data_6W81
#
_entry.id   6W81
#
_cell.length_a   56.679
_cell.length_b   85.257
_cell.length_c   58.186
_cell.angle_alpha   90.000
_cell.angle_beta   100.460
_cell.angle_gamma   90.000
#
_symmetry.space_group_name_H-M   'P 1 21 1'
#
loop_
_entity.id
_entity.type
_entity.pdbx_description
1 polymer 'Peptidase C30'
2 non-polymer N-(4-tert-butylphenyl)-N-[(1R)-2-(cyclohexylamino)-2-oxo-1-(pyridin-3-yl)ethyl]-1H-imidazole-4-carboxamide
3 non-polymer 'MALONIC ACID'
4 water water
#
_entity_poly.entity_id   1
_entity_poly.type   'polypeptide(L)'
_entity_poly.pdbx_seq_one_letter_code
;AGLRKMAQPSGVVEKCIVRVCYGNMALNGLWLGDTVICPRHVIASSTTSTIDYDYALSVLRLHNFSISSGNVFLGVVGVT
MRGALLQIKVNQNNVHTPKYTYRTVRPGESFNILACYDGSAAGVYGVNMRSNYTIRGSFINGACGSPGYNINNGTVEFCY
LHQLELGSGCHVGSDLDGVMYGGYEDQPTLQVEGASSLFTENVLAFLYAALINGSTWWLSSSRIAVDRFNEWAVHNGMTT
VVNTDCFSILAAKTGVDVQRLLASIQSLHKNFGGKQILGYTSLTDEFTTGEVIRQMYGVNLQ
;
_entity_poly.pdbx_strand_id   A,B
#
loop_
_chem_comp.id
_chem_comp.type
_chem_comp.name
_chem_comp.formula
MLA non-polymer 'MALONIC ACID' 'C3 H4 O4'
X77 non-polymer N-(4-tert-butylphenyl)-N-[(1R)-2-(cyclohexylamino)-2-oxo-1-(pyridin-3-yl)ethyl]-1H-imidazole-4-carboxamide 'C27 H33 N5 O2'
#
# COMPACT_ATOMS: atom_id res chain seq x y z
N ALA A 1 9.71 7.13 -12.04
CA ALA A 1 10.71 6.83 -11.01
C ALA A 1 10.08 6.37 -9.72
N GLY A 2 10.84 5.65 -8.91
CA GLY A 2 10.36 5.20 -7.63
C GLY A 2 10.01 3.71 -7.63
N LEU A 3 9.95 3.15 -6.42
CA LEU A 3 9.46 1.78 -6.22
C LEU A 3 8.73 1.76 -4.89
N ARG A 4 7.44 1.47 -4.94
CA ARG A 4 6.60 1.41 -3.75
C ARG A 4 5.82 0.11 -3.79
N LYS A 5 5.66 -0.55 -2.64
CA LYS A 5 4.68 -1.62 -2.56
CA LYS A 5 4.67 -1.62 -2.55
C LYS A 5 3.29 -1.00 -2.69
N MET A 6 2.53 -1.48 -3.66
CA MET A 6 1.22 -0.89 -3.90
C MET A 6 0.20 -1.97 -4.19
N ALA A 7 -1.05 -1.64 -3.97
CA ALA A 7 -2.16 -2.52 -4.20
C ALA A 7 -2.87 -2.12 -5.49
N GLN A 8 -3.51 -3.08 -6.13
CA GLN A 8 -4.38 -2.74 -7.22
C GLN A 8 -5.67 -2.10 -6.69
N PRO A 9 -6.33 -1.27 -7.49
CA PRO A 9 -7.52 -0.57 -6.98
C PRO A 9 -8.56 -1.55 -6.46
N SER A 10 -9.11 -1.25 -5.29
CA SER A 10 -9.93 -2.21 -4.54
C SER A 10 -11.41 -2.14 -4.87
N GLY A 11 -11.85 -1.19 -5.71
CA GLY A 11 -13.28 -0.97 -5.88
C GLY A 11 -14.07 -2.24 -6.15
N VAL A 12 -13.63 -3.04 -7.13
CA VAL A 12 -14.42 -4.21 -7.52
C VAL A 12 -14.51 -5.25 -6.42
N VAL A 13 -13.56 -5.28 -5.48
CA VAL A 13 -13.63 -6.23 -4.38
C VAL A 13 -14.47 -5.69 -3.22
N GLU A 14 -14.45 -4.38 -3.00
CA GLU A 14 -15.18 -3.80 -1.87
C GLU A 14 -16.64 -4.22 -1.83
N LYS A 15 -17.27 -4.38 -3.00
CA LYS A 15 -18.69 -4.68 -3.03
C LYS A 15 -18.99 -6.14 -2.71
N CYS A 16 -17.96 -6.94 -2.46
CA CYS A 16 -18.10 -8.35 -2.14
C CYS A 16 -17.96 -8.64 -0.66
N ILE A 17 -17.72 -7.64 0.17
CA ILE A 17 -17.48 -7.86 1.60
C ILE A 17 -18.79 -7.85 2.36
N VAL A 18 -18.96 -8.85 3.24
CA VAL A 18 -20.11 -8.89 4.15
C VAL A 18 -19.64 -9.20 5.56
N ARG A 19 -20.50 -8.88 6.51
CA ARG A 19 -20.32 -9.24 7.91
C ARG A 19 -21.01 -10.58 8.16
N VAL A 20 -20.29 -11.50 8.80
CA VAL A 20 -20.83 -12.82 9.12
C VAL A 20 -20.71 -12.99 10.62
N CYS A 21 -21.85 -13.20 11.28
CA CYS A 21 -21.92 -13.36 12.72
CA CYS A 21 -21.91 -13.37 12.73
C CYS A 21 -22.64 -14.65 13.05
N TYR A 22 -22.10 -15.42 13.98
CA TYR A 22 -22.81 -16.57 14.52
C TYR A 22 -22.69 -16.49 16.04
N GLY A 23 -23.83 -16.37 16.71
CA GLY A 23 -23.81 -16.12 18.14
C GLY A 23 -23.05 -14.84 18.44
N ASN A 24 -21.96 -14.95 19.20
CA ASN A 24 -21.16 -13.80 19.59
C ASN A 24 -19.92 -13.60 18.74
N MET A 25 -19.62 -14.52 17.82
CA MET A 25 -18.48 -14.41 16.92
C MET A 25 -18.88 -13.64 15.67
N ALA A 26 -18.09 -12.63 15.33
CA ALA A 26 -18.33 -11.84 14.12
C ALA A 26 -17.03 -11.71 13.36
N LEU A 27 -17.08 -11.97 12.05
CA LEU A 27 -15.91 -11.75 11.20
C LEU A 27 -16.41 -11.35 9.81
N ASN A 28 -15.54 -11.45 8.82
CA ASN A 28 -15.87 -11.01 7.47
C ASN A 28 -16.04 -12.18 6.53
N GLY A 29 -16.90 -11.99 5.53
CA GLY A 29 -17.08 -12.98 4.50
C GLY A 29 -17.02 -12.36 3.12
N LEU A 30 -16.93 -13.22 2.13
CA LEU A 30 -16.90 -12.84 0.73
C LEU A 30 -18.20 -13.31 0.08
N TRP A 31 -18.97 -12.37 -0.48
CA TRP A 31 -20.25 -12.67 -1.10
C TRP A 31 -20.06 -12.63 -2.62
N LEU A 32 -20.19 -13.79 -3.25
CA LEU A 32 -20.02 -13.95 -4.68
C LEU A 32 -21.17 -14.81 -5.19
N GLY A 33 -21.89 -14.32 -6.19
CA GLY A 33 -23.09 -15.02 -6.59
C GLY A 33 -24.03 -15.15 -5.40
N ASP A 34 -24.59 -16.34 -5.20
CA ASP A 34 -25.46 -16.61 -4.06
C ASP A 34 -24.75 -17.40 -2.96
N THR A 35 -23.46 -17.16 -2.77
CA THR A 35 -22.67 -17.87 -1.76
CA THR A 35 -22.72 -17.85 -1.73
C THR A 35 -21.87 -16.87 -0.95
N VAL A 36 -21.78 -17.10 0.35
CA VAL A 36 -20.91 -16.34 1.25
C VAL A 36 -19.88 -17.33 1.78
N ILE A 37 -18.61 -16.95 1.68
CA ILE A 37 -17.47 -17.80 2.08
C ILE A 37 -16.80 -17.10 3.26
N CYS A 38 -16.50 -17.85 4.32
CA CYS A 38 -15.87 -17.23 5.48
C CYS A 38 -15.12 -18.30 6.26
N PRO A 39 -14.22 -17.91 7.15
CA PRO A 39 -13.53 -18.91 7.98
C PRO A 39 -14.52 -19.67 8.85
N ARG A 40 -14.31 -20.98 8.97
CA ARG A 40 -15.24 -21.77 9.76
C ARG A 40 -15.12 -21.50 11.25
N HIS A 41 -14.06 -20.82 11.70
CA HIS A 41 -14.01 -20.63 13.16
C HIS A 41 -15.03 -19.62 13.64
N VAL A 42 -15.85 -19.05 12.76
CA VAL A 42 -16.98 -18.25 13.21
C VAL A 42 -17.99 -19.09 13.99
N ILE A 43 -18.02 -20.41 13.77
CA ILE A 43 -18.92 -21.27 14.54
C ILE A 43 -18.22 -21.97 15.69
N ALA A 44 -16.93 -21.72 15.89
CA ALA A 44 -16.26 -22.23 17.08
C ALA A 44 -16.81 -21.56 18.33
N SER A 45 -17.12 -22.38 19.34
CA SER A 45 -17.47 -21.87 20.65
C SER A 45 -16.20 -21.78 21.49
N SER A 46 -15.87 -20.57 21.92
CA SER A 46 -14.67 -20.32 22.71
C SER A 46 -13.40 -20.37 21.86
N THR A 47 -12.29 -19.89 22.41
CA THR A 47 -11.00 -19.98 21.74
C THR A 47 -10.10 -20.96 22.49
N THR A 48 -10.52 -22.22 22.52
CA THR A 48 -9.83 -23.33 23.19
C THR A 48 -10.88 -24.25 23.81
N SER A 49 -10.62 -25.55 23.84
CA SER A 49 -9.42 -26.12 23.23
C SER A 49 -9.71 -26.55 21.79
N THR A 50 -9.24 -27.74 21.40
CA THR A 50 -9.48 -28.23 20.05
C THR A 50 -10.97 -28.21 19.73
N ILE A 51 -11.31 -27.71 18.56
CA ILE A 51 -12.70 -27.56 18.12
C ILE A 51 -13.02 -28.70 17.17
N ASP A 52 -14.12 -29.41 17.44
CA ASP A 52 -14.67 -30.37 16.47
C ASP A 52 -15.62 -29.57 15.58
N TYR A 53 -15.12 -29.13 14.43
CA TYR A 53 -15.97 -28.29 13.58
C TYR A 53 -17.12 -29.07 12.99
N ASP A 54 -16.93 -30.35 12.71
CA ASP A 54 -18.03 -31.16 12.22
C ASP A 54 -19.16 -31.23 13.23
N TYR A 55 -18.83 -31.42 14.51
CA TYR A 55 -19.88 -31.44 15.51
C TYR A 55 -20.57 -30.09 15.61
N ALA A 56 -19.80 -29.01 15.63
CA ALA A 56 -20.38 -27.68 15.71
C ALA A 56 -21.35 -27.44 14.56
N LEU A 57 -20.97 -27.81 13.35
CA LEU A 57 -21.86 -27.60 12.22
C LEU A 57 -23.11 -28.46 12.34
N SER A 58 -22.97 -29.66 12.91
CA SER A 58 -24.11 -30.56 13.05
C SER A 58 -25.16 -30.02 14.03
N VAL A 59 -24.75 -29.23 15.01
CA VAL A 59 -25.68 -28.65 15.96
C VAL A 59 -25.95 -27.17 15.67
N LEU A 60 -25.60 -26.72 14.46
CA LEU A 60 -25.82 -25.35 14.05
C LEU A 60 -27.31 -25.02 14.03
N ARG A 61 -27.63 -23.77 14.35
CA ARG A 61 -29.00 -23.26 14.23
C ARG A 61 -28.97 -22.10 13.23
N LEU A 62 -29.58 -22.33 12.07
CA LEU A 62 -29.39 -21.42 10.94
C LEU A 62 -29.79 -19.99 11.30
N HIS A 63 -30.87 -19.83 12.06
CA HIS A 63 -31.31 -18.48 12.41
C HIS A 63 -30.35 -17.78 13.36
N ASN A 64 -29.36 -18.49 13.91
CA ASN A 64 -28.34 -17.86 14.71
C ASN A 64 -27.31 -17.12 13.87
N PHE A 65 -27.38 -17.21 12.54
CA PHE A 65 -26.51 -16.45 11.66
C PHE A 65 -27.05 -15.06 11.43
N SER A 66 -26.13 -14.11 11.29
CA SER A 66 -26.47 -12.77 10.85
C SER A 66 -25.47 -12.37 9.78
N ILE A 67 -25.93 -12.27 8.53
CA ILE A 67 -25.07 -11.96 7.39
C ILE A 67 -25.60 -10.68 6.74
N SER A 68 -24.73 -9.69 6.58
CA SER A 68 -25.21 -8.41 6.07
C SER A 68 -24.16 -7.74 5.19
N SER A 69 -24.65 -7.06 4.16
CA SER A 69 -23.87 -6.20 3.28
C SER A 69 -24.41 -4.78 3.52
N GLY A 70 -23.74 -4.02 4.36
CA GLY A 70 -24.34 -2.78 4.81
C GLY A 70 -25.58 -3.10 5.63
N ASN A 71 -26.71 -2.50 5.27
CA ASN A 71 -27.99 -2.90 5.88
C ASN A 71 -28.81 -3.80 4.97
N VAL A 72 -28.17 -4.48 4.02
CA VAL A 72 -28.80 -5.55 3.26
C VAL A 72 -28.54 -6.84 4.02
N PHE A 73 -29.59 -7.43 4.57
CA PHE A 73 -29.46 -8.68 5.31
C PHE A 73 -29.77 -9.87 4.40
N LEU A 74 -28.87 -10.85 4.40
CA LEU A 74 -28.98 -12.04 3.57
C LEU A 74 -29.52 -13.21 4.39
N GLY A 75 -30.57 -13.85 3.90
CA GLY A 75 -31.07 -15.06 4.53
C GLY A 75 -30.20 -16.26 4.19
N VAL A 76 -29.98 -17.10 5.20
CA VAL A 76 -29.15 -18.29 5.04
C VAL A 76 -30.02 -19.45 4.59
N VAL A 77 -29.62 -20.08 3.49
CA VAL A 77 -30.34 -21.25 2.99
C VAL A 77 -29.70 -22.54 3.48
N GLY A 78 -28.37 -22.60 3.50
CA GLY A 78 -27.68 -23.81 3.91
C GLY A 78 -26.23 -23.51 4.18
N VAL A 79 -25.59 -24.40 4.93
CA VAL A 79 -24.20 -24.23 5.32
C VAL A 79 -23.49 -25.58 5.24
N THR A 80 -22.37 -25.60 4.52
CA THR A 80 -21.55 -26.79 4.39
C THR A 80 -20.11 -26.40 4.63
N MET A 81 -19.33 -27.39 5.02
CA MET A 81 -17.92 -27.21 5.27
C MET A 81 -17.12 -27.27 3.98
N ARG A 82 -16.14 -26.38 3.85
CA ARG A 82 -15.23 -26.35 2.71
C ARG A 82 -13.82 -26.19 3.27
N GLY A 83 -13.21 -27.30 3.68
CA GLY A 83 -11.91 -27.19 4.34
C GLY A 83 -12.04 -26.33 5.58
N ALA A 84 -11.15 -25.32 5.70
CA ALA A 84 -11.14 -24.35 6.80
C ALA A 84 -12.13 -23.19 6.60
N LEU A 85 -13.06 -23.35 5.69
CA LEU A 85 -14.09 -22.35 5.42
C LEU A 85 -15.47 -22.96 5.57
N LEU A 86 -16.45 -22.06 5.72
CA LEU A 86 -17.85 -22.40 5.49
C LEU A 86 -18.24 -21.88 4.12
N GLN A 87 -19.02 -22.68 3.39
CA GLN A 87 -19.76 -22.24 2.22
C GLN A 87 -21.21 -22.02 2.65
N ILE A 88 -21.64 -20.78 2.68
CA ILE A 88 -22.99 -20.43 3.10
C ILE A 88 -23.80 -20.06 1.86
N LYS A 89 -24.80 -20.88 1.53
CA LYS A 89 -25.73 -20.52 0.48
C LYS A 89 -26.71 -19.51 1.03
N VAL A 90 -26.88 -18.40 0.33
CA VAL A 90 -27.77 -17.34 0.79
C VAL A 90 -28.87 -17.15 -0.26
N ASN A 91 -29.88 -16.37 0.11
CA ASN A 91 -31.09 -16.26 -0.70
C ASN A 91 -31.02 -15.15 -1.75
N GLN A 92 -29.93 -14.37 -1.79
CA GLN A 92 -29.82 -13.29 -2.78
C GLN A 92 -28.50 -13.40 -3.51
N ASN A 93 -28.52 -13.08 -4.79
CA ASN A 93 -27.30 -13.02 -5.60
C ASN A 93 -26.68 -11.65 -5.44
N ASN A 94 -25.36 -11.61 -5.25
CA ASN A 94 -24.61 -10.33 -5.25
C ASN A 94 -24.54 -9.84 -6.70
N VAL A 95 -25.36 -8.85 -7.04
CA VAL A 95 -25.38 -8.39 -8.42
C VAL A 95 -24.10 -7.67 -8.80
N HIS A 96 -23.25 -7.35 -7.82
CA HIS A 96 -21.98 -6.70 -8.08
C HIS A 96 -20.82 -7.68 -8.04
N THR A 97 -21.10 -8.96 -8.17
CA THR A 97 -20.02 -9.94 -8.24
C THR A 97 -19.17 -9.66 -9.47
N PRO A 98 -17.86 -9.49 -9.32
CA PRO A 98 -17.01 -9.31 -10.50
C PRO A 98 -16.80 -10.63 -11.20
N LYS A 99 -16.27 -10.55 -12.41
CA LYS A 99 -15.66 -11.73 -13.02
C LYS A 99 -14.50 -12.17 -12.13
N TYR A 100 -14.51 -13.43 -11.70
CA TYR A 100 -13.49 -13.85 -10.74
C TYR A 100 -13.06 -15.30 -10.96
N THR A 101 -11.90 -15.61 -10.37
CA THR A 101 -11.39 -16.97 -10.25
C THR A 101 -10.83 -17.15 -8.86
N TYR A 102 -10.50 -18.42 -8.53
CA TYR A 102 -9.66 -18.76 -7.39
C TYR A 102 -8.29 -19.19 -7.89
N ARG A 103 -7.23 -18.82 -7.17
CA ARG A 103 -5.91 -19.39 -7.45
C ARG A 103 -5.11 -19.43 -6.16
N THR A 104 -4.43 -20.56 -5.93
CA THR A 104 -3.57 -20.75 -4.78
C THR A 104 -2.19 -20.19 -5.12
N VAL A 105 -1.72 -19.22 -4.33
CA VAL A 105 -0.39 -18.65 -4.59
C VAL A 105 0.69 -19.52 -3.97
N ARG A 106 1.91 -19.32 -4.45
N ARG A 106 1.91 -19.33 -4.47
CA ARG A 106 3.09 -20.03 -4.00
CA ARG A 106 3.08 -20.02 -3.97
C ARG A 106 4.05 -19.03 -3.35
C ARG A 106 4.02 -19.03 -3.30
N PRO A 107 4.96 -19.51 -2.50
CA PRO A 107 5.89 -18.59 -1.84
C PRO A 107 6.61 -17.73 -2.86
N GLY A 108 6.81 -16.46 -2.52
CA GLY A 108 7.49 -15.54 -3.38
C GLY A 108 6.55 -14.72 -4.24
N GLU A 109 5.28 -15.08 -4.30
CA GLU A 109 4.31 -14.40 -5.12
C GLU A 109 3.64 -13.28 -4.34
N SER A 110 3.31 -12.19 -5.03
CA SER A 110 2.65 -11.05 -4.42
C SER A 110 1.15 -11.06 -4.64
N PHE A 111 0.43 -10.45 -3.71
CA PHE A 111 -1.00 -10.23 -3.87
C PHE A 111 -1.43 -9.08 -2.97
N ASN A 112 -2.69 -8.67 -3.12
CA ASN A 112 -3.23 -7.53 -2.39
C ASN A 112 -4.10 -8.02 -1.26
N ILE A 113 -3.98 -7.39 -0.08
CA ILE A 113 -4.89 -7.64 1.04
C ILE A 113 -5.88 -6.49 1.15
N LEU A 114 -7.17 -6.82 1.20
CA LEU A 114 -8.21 -5.86 1.56
C LEU A 114 -8.58 -6.14 3.02
N ALA A 115 -7.99 -5.36 3.92
CA ALA A 115 -8.25 -5.53 5.34
C ALA A 115 -9.66 -5.03 5.66
N CYS A 116 -10.45 -5.88 6.31
CA CYS A 116 -11.86 -5.60 6.58
C CYS A 116 -12.17 -5.79 8.05
N TYR A 117 -13.14 -4.99 8.53
CA TYR A 117 -13.67 -5.09 9.88
C TYR A 117 -15.16 -4.87 9.83
N ASP A 118 -15.91 -5.67 10.59
CA ASP A 118 -17.35 -5.50 10.71
CA ASP A 118 -17.35 -5.50 10.71
C ASP A 118 -18.03 -5.58 9.35
N GLY A 119 -17.44 -6.32 8.43
CA GLY A 119 -17.97 -6.53 7.10
C GLY A 119 -17.76 -5.41 6.12
N SER A 120 -16.85 -4.48 6.41
CA SER A 120 -16.55 -3.34 5.54
C SER A 120 -15.05 -3.24 5.31
N ALA A 121 -14.67 -2.98 4.07
CA ALA A 121 -13.25 -2.76 3.77
C ALA A 121 -12.74 -1.53 4.50
N ALA A 122 -11.55 -1.65 5.07
CA ALA A 122 -10.94 -0.56 5.84
C ALA A 122 -9.58 -0.10 5.30
N GLY A 123 -8.85 -0.97 4.62
CA GLY A 123 -7.55 -0.60 4.09
C GLY A 123 -7.10 -1.63 3.09
N VAL A 124 -6.10 -1.24 2.30
CA VAL A 124 -5.59 -2.11 1.26
C VAL A 124 -4.08 -1.96 1.17
N TYR A 125 -3.37 -3.07 1.04
CA TYR A 125 -1.92 -3.04 0.93
C TYR A 125 -1.45 -4.30 0.23
N GLY A 126 -0.25 -4.23 -0.33
CA GLY A 126 0.34 -5.39 -0.97
C GLY A 126 1.15 -6.25 0.00
N VAL A 127 1.12 -7.56 -0.24
CA VAL A 127 1.88 -8.53 0.55
C VAL A 127 2.63 -9.46 -0.40
N ASN A 128 3.49 -10.28 0.19
CA ASN A 128 4.23 -11.29 -0.56
C ASN A 128 4.29 -12.56 0.31
N MET A 129 3.94 -13.71 -0.27
CA MET A 129 3.88 -14.95 0.49
C MET A 129 5.27 -15.43 0.86
N ARG A 130 5.56 -15.55 2.16
CA ARG A 130 6.88 -16.00 2.62
C ARG A 130 7.05 -17.50 2.40
N SER A 131 8.32 -17.95 2.50
CA SER A 131 8.61 -19.38 2.32
C SER A 131 7.96 -20.24 3.40
N ASN A 132 7.66 -19.67 4.57
CA ASN A 132 6.95 -20.40 5.63
C ASN A 132 5.45 -20.20 5.55
N TYR A 133 4.95 -19.65 4.44
CA TYR A 133 3.52 -19.57 4.15
C TYR A 133 2.80 -18.64 5.11
N THR A 134 3.50 -17.63 5.61
CA THR A 134 2.91 -16.52 6.33
C THR A 134 3.11 -15.25 5.52
N ILE A 135 2.34 -14.22 5.87
CA ILE A 135 2.47 -12.90 5.26
C ILE A 135 2.70 -11.87 6.35
N ARG A 136 3.41 -10.81 5.98
CA ARG A 136 3.68 -9.67 6.86
C ARG A 136 2.52 -8.71 6.76
N GLY A 137 1.43 -9.03 7.48
CA GLY A 137 0.24 -8.24 7.44
C GLY A 137 0.15 -7.22 8.57
N SER A 138 -0.95 -6.49 8.56
CA SER A 138 -1.34 -5.62 9.66
C SER A 138 -2.82 -5.88 9.90
N PHE A 139 -3.12 -6.64 10.94
CA PHE A 139 -4.48 -7.03 11.26
C PHE A 139 -4.67 -6.94 12.76
N ILE A 140 -5.84 -6.48 13.19
CA ILE A 140 -6.19 -6.59 14.60
C ILE A 140 -7.46 -7.42 14.69
N ASN A 141 -7.93 -7.65 15.91
CA ASN A 141 -9.06 -8.54 16.10
C ASN A 141 -10.24 -8.08 15.25
N GLY A 142 -10.90 -9.03 14.61
CA GLY A 142 -12.01 -8.77 13.72
C GLY A 142 -11.70 -8.86 12.25
N ALA A 143 -10.42 -8.99 11.86
CA ALA A 143 -10.03 -8.97 10.46
C ALA A 143 -10.14 -10.33 9.79
N CYS A 144 -10.44 -11.38 10.54
CA CYS A 144 -10.56 -12.70 9.91
C CYS A 144 -11.57 -12.64 8.78
N GLY A 145 -11.27 -13.36 7.69
CA GLY A 145 -12.10 -13.31 6.50
C GLY A 145 -11.73 -12.21 5.52
N SER A 146 -10.84 -11.30 5.88
CA SER A 146 -10.31 -10.35 4.94
C SER A 146 -9.71 -11.07 3.73
N PRO A 147 -10.04 -10.67 2.51
CA PRO A 147 -9.57 -11.40 1.32
C PRO A 147 -8.27 -10.85 0.76
N GLY A 148 -7.53 -11.76 0.12
CA GLY A 148 -6.37 -11.40 -0.70
C GLY A 148 -6.67 -11.71 -2.16
N TYR A 149 -6.17 -10.86 -3.04
CA TYR A 149 -6.65 -10.85 -4.42
C TYR A 149 -5.56 -10.30 -5.32
N ASN A 150 -5.60 -10.71 -6.59
CA ASN A 150 -4.95 -9.99 -7.67
C ASN A 150 -6.01 -9.64 -8.71
N ILE A 151 -5.72 -8.64 -9.52
CA ILE A 151 -6.61 -8.28 -10.62
C ILE A 151 -5.84 -8.39 -11.91
N ASN A 152 -6.31 -9.26 -12.81
CA ASN A 152 -5.66 -9.46 -14.11
C ASN A 152 -6.70 -9.24 -15.20
N ASN A 153 -6.53 -8.17 -15.98
CA ASN A 153 -7.38 -7.90 -17.14
C ASN A 153 -8.86 -7.93 -16.76
N GLY A 154 -9.20 -7.30 -15.64
CA GLY A 154 -10.58 -7.23 -15.21
C GLY A 154 -11.09 -8.44 -14.43
N THR A 155 -10.33 -9.53 -14.36
CA THR A 155 -10.72 -10.69 -13.58
C THR A 155 -10.06 -10.64 -12.21
N VAL A 156 -10.88 -10.73 -11.16
CA VAL A 156 -10.37 -10.78 -9.79
C VAL A 156 -9.97 -12.22 -9.48
N GLU A 157 -8.71 -12.42 -9.18
CA GLU A 157 -8.18 -13.72 -8.77
C GLU A 157 -8.07 -13.74 -7.24
N PHE A 158 -8.97 -14.47 -6.59
CA PHE A 158 -8.96 -14.55 -5.13
C PHE A 158 -7.99 -15.64 -4.69
N CYS A 159 -7.13 -15.32 -3.73
CA CYS A 159 -6.10 -16.28 -3.34
C CYS A 159 -5.93 -16.45 -1.85
N TYR A 160 -6.66 -15.72 -1.02
CA TYR A 160 -6.40 -15.74 0.41
C TYR A 160 -7.64 -15.29 1.15
N LEU A 161 -7.94 -15.96 2.26
CA LEU A 161 -8.88 -15.48 3.25
C LEU A 161 -8.20 -15.52 4.60
N HIS A 162 -8.20 -14.40 5.31
CA HIS A 162 -7.41 -14.33 6.52
C HIS A 162 -7.99 -15.25 7.61
N GLN A 163 -7.12 -16.01 8.26
CA GLN A 163 -7.58 -16.98 9.25
C GLN A 163 -7.09 -16.71 10.66
N LEU A 164 -5.80 -16.49 10.87
CA LEU A 164 -5.31 -16.36 12.24
C LEU A 164 -3.96 -15.67 12.25
N GLU A 165 -3.53 -15.31 13.45
CA GLU A 165 -2.25 -14.69 13.71
C GLU A 165 -1.43 -15.60 14.63
N LEU A 166 -0.17 -15.84 14.28
CA LEU A 166 0.70 -16.62 15.13
C LEU A 166 1.33 -15.75 16.21
N GLY A 167 1.90 -16.40 17.23
CA GLY A 167 2.41 -15.67 18.39
C GLY A 167 3.39 -14.56 18.02
N SER A 168 4.13 -14.73 16.94
CA SER A 168 5.11 -13.76 16.50
C SER A 168 4.48 -12.57 15.76
N GLY A 169 3.19 -12.62 15.47
CA GLY A 169 2.55 -11.57 14.71
C GLY A 169 2.45 -11.82 13.22
N CYS A 170 3.01 -12.92 12.72
CA CYS A 170 2.82 -13.19 11.31
CA CYS A 170 2.86 -13.30 11.32
C CYS A 170 1.44 -13.79 11.07
N HIS A 171 0.97 -13.66 9.82
CA HIS A 171 -0.42 -13.92 9.51
C HIS A 171 -0.62 -15.10 8.59
N VAL A 172 -1.64 -15.90 8.89
CA VAL A 172 -1.94 -17.16 8.21
C VAL A 172 -3.35 -17.09 7.62
N GLY A 173 -3.49 -17.53 6.37
CA GLY A 173 -4.79 -17.62 5.74
C GLY A 173 -4.96 -18.96 5.04
N SER A 174 -6.13 -19.15 4.45
CA SER A 174 -6.40 -20.27 3.55
C SER A 174 -6.59 -19.74 2.14
N ASP A 175 -6.45 -20.63 1.17
CA ASP A 175 -6.96 -20.30 -0.15
C ASP A 175 -8.49 -20.44 -0.13
N LEU A 176 -9.14 -20.05 -1.23
CA LEU A 176 -10.60 -20.05 -1.24
CA LEU A 176 -10.59 -20.05 -1.25
C LEU A 176 -11.18 -21.44 -1.41
N ASP A 177 -10.35 -22.44 -1.62
CA ASP A 177 -10.85 -23.80 -1.56
C ASP A 177 -10.79 -24.34 -0.14
N GLY A 178 -10.29 -23.53 0.81
CA GLY A 178 -10.28 -23.91 2.20
C GLY A 178 -9.02 -24.62 2.64
N VAL A 179 -7.98 -24.58 1.83
CA VAL A 179 -6.73 -25.25 2.15
C VAL A 179 -5.83 -24.23 2.84
N MET A 180 -5.49 -24.50 4.10
CA MET A 180 -4.66 -23.53 4.82
C MET A 180 -3.26 -23.45 4.22
N TYR A 181 -2.77 -22.22 3.98
CA TYR A 181 -1.39 -22.07 3.53
C TYR A 181 -0.46 -22.58 4.61
N GLY A 182 0.46 -23.47 4.22
CA GLY A 182 1.47 -23.95 5.14
C GLY A 182 0.99 -25.07 6.03
N GLY A 183 -0.26 -25.50 5.88
CA GLY A 183 -0.80 -26.57 6.68
C GLY A 183 -1.05 -26.22 8.12
N TYR A 184 -0.97 -24.93 8.48
CA TYR A 184 -1.31 -24.55 9.83
C TYR A 184 -2.75 -24.93 10.12
N GLU A 185 -3.03 -25.22 11.38
CA GLU A 185 -4.37 -25.59 11.80
C GLU A 185 -5.15 -24.37 12.24
N ASP A 186 -6.45 -24.37 11.94
CA ASP A 186 -7.35 -23.34 12.47
C ASP A 186 -7.90 -23.77 13.83
N GLN A 187 -6.97 -23.91 14.76
CA GLN A 187 -7.20 -24.32 16.14
C GLN A 187 -6.36 -23.44 17.05
N PRO A 188 -6.74 -23.32 18.32
CA PRO A 188 -5.99 -22.48 19.25
C PRO A 188 -4.75 -23.12 19.84
N THR A 189 -4.36 -24.31 19.37
CA THR A 189 -3.19 -24.97 19.90
C THR A 189 -1.92 -24.23 19.48
N LEU A 190 -0.87 -24.46 20.26
CA LEU A 190 0.43 -23.84 19.96
C LEU A 190 0.97 -24.40 18.66
N GLN A 191 1.30 -23.50 17.74
CA GLN A 191 2.05 -23.84 16.54
C GLN A 191 2.91 -22.64 16.21
N VAL A 192 4.09 -22.90 15.65
CA VAL A 192 5.04 -21.84 15.34
C VAL A 192 5.42 -21.93 13.87
N GLU A 193 5.64 -20.78 13.25
CA GLU A 193 6.01 -20.77 11.85
C GLU A 193 7.46 -21.21 11.70
N GLY A 194 7.77 -21.77 10.53
CA GLY A 194 9.14 -22.14 10.25
C GLY A 194 9.99 -20.91 10.01
N ALA A 195 11.30 -21.14 9.90
CA ALA A 195 12.20 -20.04 9.59
C ALA A 195 11.88 -19.49 8.20
N SER A 196 12.13 -18.21 8.01
CA SER A 196 11.87 -17.55 6.74
C SER A 196 13.19 -17.37 6.00
N SER A 197 13.24 -17.84 4.75
CA SER A 197 14.34 -17.55 3.85
C SER A 197 13.93 -16.44 2.89
N LEU A 198 14.83 -15.49 2.66
CA LEU A 198 14.57 -14.47 1.66
C LEU A 198 14.47 -15.13 0.28
N PHE A 199 13.43 -14.75 -0.46
CA PHE A 199 13.23 -15.23 -1.83
C PHE A 199 14.21 -14.48 -2.71
N THR A 200 15.27 -15.17 -3.13
CA THR A 200 16.40 -14.49 -3.75
C THR A 200 16.01 -13.83 -5.08
N GLU A 201 15.16 -14.51 -5.86
CA GLU A 201 14.73 -13.93 -7.12
C GLU A 201 14.08 -12.57 -6.91
N ASN A 202 13.34 -12.40 -5.82
CA ASN A 202 12.72 -11.11 -5.51
C ASN A 202 13.76 -10.08 -5.07
N VAL A 203 14.76 -10.51 -4.29
CA VAL A 203 15.85 -9.62 -3.92
C VAL A 203 16.56 -9.13 -5.17
N LEU A 204 16.76 -10.02 -6.15
CA LEU A 204 17.36 -9.62 -7.40
C LEU A 204 16.52 -8.57 -8.11
N ALA A 205 15.20 -8.78 -8.15
CA ALA A 205 14.31 -7.79 -8.78
C ALA A 205 14.44 -6.44 -8.11
N PHE A 206 14.52 -6.42 -6.78
CA PHE A 206 14.68 -5.18 -6.02
C PHE A 206 15.98 -4.48 -6.37
N LEU A 207 17.08 -5.22 -6.44
CA LEU A 207 18.36 -4.59 -6.77
C LEU A 207 18.36 -4.03 -8.19
N TYR A 208 17.70 -4.70 -9.13
CA TYR A 208 17.56 -4.13 -10.46
C TYR A 208 16.78 -2.82 -10.41
N ALA A 209 15.66 -2.79 -9.69
CA ALA A 209 14.93 -1.53 -9.52
C ALA A 209 15.83 -0.46 -8.92
N ALA A 210 16.66 -0.84 -7.95
CA ALA A 210 17.56 0.11 -7.34
C ALA A 210 18.49 0.73 -8.38
N LEU A 211 19.08 -0.11 -9.24
CA LEU A 211 19.94 0.39 -10.30
C LEU A 211 19.18 1.35 -11.21
N ILE A 212 18.02 0.91 -11.69
CA ILE A 212 17.22 1.75 -12.58
C ILE A 212 16.94 3.11 -11.96
N ASN A 213 16.86 3.16 -10.63
CA ASN A 213 16.61 4.41 -9.91
C ASN A 213 17.90 5.07 -9.43
N GLY A 214 19.03 4.70 -10.00
CA GLY A 214 20.27 5.41 -9.78
C GLY A 214 21.03 5.05 -8.54
N SER A 215 20.64 3.97 -7.85
CA SER A 215 21.37 3.51 -6.67
C SER A 215 22.40 2.46 -7.12
N THR A 216 23.68 2.79 -7.00
CA THR A 216 24.72 1.90 -7.49
C THR A 216 25.89 1.70 -6.54
N TRP A 217 25.95 2.41 -5.40
CA TRP A 217 27.11 2.32 -4.52
C TRP A 217 27.41 0.90 -4.07
N TRP A 218 26.38 0.07 -3.95
CA TRP A 218 26.46 -1.29 -3.42
C TRP A 218 26.95 -2.31 -4.43
N LEU A 219 27.06 -1.93 -5.70
CA LEU A 219 27.28 -2.89 -6.76
C LEU A 219 28.73 -3.38 -6.71
N SER A 220 28.91 -4.67 -6.96
CA SER A 220 30.23 -5.28 -6.84
C SER A 220 30.87 -5.50 -8.20
N SER A 221 32.19 -5.30 -8.25
CA SER A 221 32.98 -5.64 -9.41
C SER A 221 33.22 -7.14 -9.53
N SER A 222 33.03 -7.87 -8.44
CA SER A 222 33.30 -9.31 -8.42
C SER A 222 32.35 -10.03 -9.36
N ARG A 223 31.40 -10.77 -8.78
CA ARG A 223 30.52 -11.71 -9.48
C ARG A 223 30.70 -13.08 -8.87
N ILE A 224 29.63 -13.87 -8.83
CA ILE A 224 29.69 -15.22 -8.30
C ILE A 224 28.72 -16.08 -9.11
N ALA A 225 29.18 -17.29 -9.44
CA ALA A 225 28.37 -18.21 -10.23
C ALA A 225 27.09 -18.58 -9.50
N VAL A 226 26.05 -18.87 -10.27
CA VAL A 226 24.78 -19.27 -9.67
C VAL A 226 24.99 -20.46 -8.74
N ASP A 227 25.73 -21.46 -9.22
CA ASP A 227 25.92 -22.68 -8.45
C ASP A 227 26.61 -22.39 -7.12
N ARG A 228 27.68 -21.60 -7.15
CA ARG A 228 28.37 -21.28 -5.91
C ARG A 228 27.48 -20.44 -4.99
N PHE A 229 26.72 -19.51 -5.55
CA PHE A 229 25.81 -18.75 -4.70
C PHE A 229 24.81 -19.65 -4.00
N ASN A 230 24.27 -20.63 -4.72
CA ASN A 230 23.25 -21.49 -4.13
C ASN A 230 23.81 -22.27 -2.94
N GLU A 231 25.07 -22.69 -3.03
CA GLU A 231 25.70 -23.35 -1.89
C GLU A 231 25.75 -22.43 -0.69
N TRP A 232 26.09 -21.16 -0.91
CA TRP A 232 26.14 -20.21 0.19
C TRP A 232 24.75 -19.87 0.71
N ALA A 233 23.78 -19.76 -0.20
CA ALA A 233 22.46 -19.29 0.17
C ALA A 233 21.82 -20.19 1.22
N VAL A 234 21.98 -21.50 1.10
CA VAL A 234 21.28 -22.41 1.98
C VAL A 234 21.87 -22.39 3.38
N HIS A 235 23.08 -21.86 3.55
CA HIS A 235 23.66 -21.65 4.86
C HIS A 235 23.44 -20.24 5.39
N ASN A 236 22.73 -19.38 4.64
CA ASN A 236 22.61 -17.98 5.02
C ASN A 236 21.19 -17.47 4.84
N GLY A 237 20.21 -18.36 4.98
CA GLY A 237 18.81 -17.94 5.04
C GLY A 237 18.28 -17.29 3.78
N MET A 238 18.70 -17.77 2.61
CA MET A 238 18.16 -17.28 1.35
C MET A 238 17.87 -18.47 0.45
N THR A 239 16.93 -18.29 -0.48
CA THR A 239 16.62 -19.40 -1.36
C THR A 239 17.63 -19.50 -2.48
N THR A 240 17.68 -20.67 -3.11
CA THR A 240 18.51 -20.83 -4.30
C THR A 240 17.84 -20.18 -5.51
N VAL A 241 18.65 -19.88 -6.52
CA VAL A 241 18.20 -19.30 -7.78
C VAL A 241 18.10 -20.42 -8.81
N VAL A 242 16.97 -20.49 -9.51
CA VAL A 242 16.69 -21.58 -10.43
C VAL A 242 17.12 -21.25 -11.85
N ASN A 243 16.72 -20.08 -12.35
CA ASN A 243 17.14 -19.68 -13.69
C ASN A 243 16.87 -18.18 -13.87
N THR A 244 17.64 -17.58 -14.76
CA THR A 244 17.77 -16.13 -14.84
C THR A 244 17.08 -15.52 -16.05
N ASP A 245 16.25 -16.29 -16.78
CA ASP A 245 15.64 -15.74 -17.97
C ASP A 245 14.52 -14.74 -17.66
N CYS A 246 14.05 -14.67 -16.41
CA CYS A 246 13.13 -13.61 -16.04
C CYS A 246 13.84 -12.29 -15.79
N PHE A 247 15.16 -12.31 -15.64
CA PHE A 247 15.96 -11.10 -15.51
C PHE A 247 16.56 -10.66 -16.84
N SER A 248 16.13 -11.27 -17.94
CA SER A 248 16.70 -10.99 -19.26
C SER A 248 16.71 -9.50 -19.57
N ILE A 249 15.54 -8.88 -19.66
CA ILE A 249 15.48 -7.49 -20.11
C ILE A 249 16.00 -6.56 -19.02
N LEU A 250 15.68 -6.83 -17.77
CA LEU A 250 16.29 -6.08 -16.67
C LEU A 250 17.82 -6.09 -16.80
N ALA A 251 18.39 -7.26 -17.09
CA ALA A 251 19.84 -7.35 -17.28
C ALA A 251 20.31 -6.46 -18.43
N ALA A 252 19.51 -6.37 -19.50
CA ALA A 252 19.88 -5.54 -20.63
C ALA A 252 19.77 -4.05 -20.29
N LYS A 253 18.64 -3.65 -19.71
CA LYS A 253 18.41 -2.23 -19.44
C LYS A 253 19.51 -1.64 -18.56
N THR A 254 19.96 -2.40 -17.56
CA THR A 254 20.95 -1.86 -16.64
C THR A 254 22.39 -2.21 -17.01
N GLY A 255 22.60 -3.23 -17.84
CA GLY A 255 23.93 -3.71 -18.14
C GLY A 255 24.52 -4.63 -17.10
N VAL A 256 23.83 -4.87 -15.99
CA VAL A 256 24.32 -5.70 -14.89
C VAL A 256 23.66 -7.06 -14.97
N ASP A 257 24.46 -8.12 -14.88
CA ASP A 257 23.93 -9.48 -14.96
C ASP A 257 23.76 -10.09 -13.57
N VAL A 258 23.00 -11.19 -13.53
CA VAL A 258 22.62 -11.79 -12.25
C VAL A 258 23.84 -12.10 -11.40
N GLN A 259 24.92 -12.62 -12.00
CA GLN A 259 26.07 -13.03 -11.22
C GLN A 259 26.65 -11.88 -10.41
N ARG A 260 26.67 -10.67 -11.00
CA ARG A 260 27.16 -9.50 -10.27
C ARG A 260 26.24 -9.14 -9.11
N LEU A 261 24.92 -9.23 -9.32
CA LEU A 261 23.99 -8.97 -8.24
C LEU A 261 24.09 -10.02 -7.13
N LEU A 262 24.38 -11.27 -7.49
CA LEU A 262 24.50 -12.31 -6.48
C LEU A 262 25.69 -12.02 -5.57
N ALA A 263 26.79 -11.52 -6.12
CA ALA A 263 27.92 -11.13 -5.29
C ALA A 263 27.55 -9.92 -4.44
N SER A 264 26.76 -8.99 -4.99
CA SER A 264 26.32 -7.85 -4.21
C SER A 264 25.44 -8.28 -3.04
N ILE A 265 24.52 -9.21 -3.28
CA ILE A 265 23.67 -9.72 -2.20
C ILE A 265 24.53 -10.25 -1.05
N GLN A 266 25.61 -10.94 -1.38
CA GLN A 266 26.42 -11.54 -0.33
C GLN A 266 27.01 -10.48 0.60
N SER A 267 27.52 -9.39 0.02
CA SER A 267 28.06 -8.31 0.86
C SER A 267 26.95 -7.61 1.64
N LEU A 268 25.80 -7.38 1.00
CA LEU A 268 24.72 -6.65 1.64
C LEU A 268 23.97 -7.46 2.69
N HIS A 269 24.08 -8.79 2.67
CA HIS A 269 23.36 -9.59 3.65
C HIS A 269 23.88 -9.36 5.07
N LYS A 270 25.15 -9.01 5.24
CA LYS A 270 25.65 -8.68 6.56
C LYS A 270 24.98 -7.41 7.04
N ASN A 271 25.44 -6.27 6.54
CA ASN A 271 24.78 -5.00 6.81
C ASN A 271 24.99 -4.08 5.62
N PHE A 272 24.26 -2.97 5.61
CA PHE A 272 24.39 -1.95 4.60
C PHE A 272 25.44 -0.90 4.94
N GLY A 273 26.27 -1.16 5.95
CA GLY A 273 27.36 -0.26 6.27
C GLY A 273 26.95 1.13 6.68
N GLY A 274 25.73 1.30 7.19
CA GLY A 274 25.22 2.60 7.54
C GLY A 274 24.58 3.35 6.40
N LYS A 275 24.45 2.74 5.24
CA LYS A 275 23.89 3.33 4.03
C LYS A 275 22.50 2.71 3.79
N GLN A 276 21.84 3.16 2.73
CA GLN A 276 20.51 2.64 2.43
C GLN A 276 20.30 2.54 0.93
N ILE A 277 19.38 1.67 0.54
CA ILE A 277 19.02 1.44 -0.86
C ILE A 277 17.53 1.68 -0.99
N LEU A 278 17.15 2.79 -1.62
CA LEU A 278 15.75 3.16 -1.75
C LEU A 278 15.07 3.21 -0.38
N GLY A 279 15.80 3.64 0.64
CA GLY A 279 15.27 3.78 1.99
C GLY A 279 15.41 2.56 2.87
N TYR A 280 15.70 1.40 2.29
CA TYR A 280 15.86 0.16 3.03
C TYR A 280 17.26 0.06 3.64
N THR A 281 17.34 -0.55 4.82
CA THR A 281 18.62 -0.84 5.46
C THR A 281 18.86 -2.35 5.60
N SER A 282 18.05 -3.15 4.94
CA SER A 282 18.29 -4.58 4.79
C SER A 282 17.62 -5.02 3.51
N LEU A 283 18.08 -6.15 2.97
CA LEU A 283 17.52 -6.67 1.74
C LEU A 283 16.04 -6.96 1.92
N THR A 284 15.24 -6.61 0.91
CA THR A 284 13.82 -6.93 0.90
C THR A 284 13.52 -7.90 -0.24
N ASP A 285 12.64 -8.86 0.04
CA ASP A 285 12.24 -9.86 -0.95
C ASP A 285 10.76 -9.72 -1.26
N GLU A 286 10.18 -8.55 -1.02
CA GLU A 286 8.75 -8.41 -1.17
C GLU A 286 8.32 -7.98 -2.57
N PHE A 287 9.27 -7.67 -3.45
CA PHE A 287 8.97 -7.22 -4.81
C PHE A 287 9.34 -8.31 -5.81
N THR A 288 8.40 -8.69 -6.65
CA THR A 288 8.65 -9.64 -7.71
C THR A 288 9.17 -8.93 -8.96
N THR A 289 9.73 -9.74 -9.87
CA THR A 289 10.16 -9.20 -11.16
C THR A 289 8.99 -8.58 -11.89
N GLY A 290 7.81 -9.20 -11.81
CA GLY A 290 6.64 -8.64 -12.46
C GLY A 290 6.27 -7.28 -11.92
N GLU A 291 6.33 -7.10 -10.60
CA GLU A 291 6.01 -5.80 -10.00
C GLU A 291 7.04 -4.77 -10.41
N VAL A 292 8.31 -5.15 -10.40
CA VAL A 292 9.37 -4.21 -10.76
C VAL A 292 9.20 -3.76 -12.21
N ILE A 293 9.01 -4.71 -13.12
CA ILE A 293 8.85 -4.35 -14.53
C ILE A 293 7.64 -3.46 -14.73
N ARG A 294 6.53 -3.77 -14.03
CA ARG A 294 5.35 -2.92 -14.18
C ARG A 294 5.60 -1.51 -13.65
N GLN A 295 6.31 -1.38 -12.53
CA GLN A 295 6.53 -0.05 -11.95
C GLN A 295 7.61 0.72 -12.68
N MET A 296 8.58 0.03 -13.29
CA MET A 296 9.60 0.74 -14.05
C MET A 296 9.12 1.12 -15.44
N TYR A 297 8.34 0.24 -16.09
CA TYR A 297 8.11 0.37 -17.52
C TYR A 297 6.65 0.26 -17.96
N GLY A 298 5.72 -0.03 -17.06
CA GLY A 298 4.33 -0.24 -17.49
C GLY A 298 4.12 -1.40 -18.43
N VAL A 299 4.83 -2.51 -18.23
CA VAL A 299 4.63 -3.73 -19.00
C VAL A 299 4.12 -4.81 -18.04
N ASN A 300 3.05 -5.49 -18.41
CA ASN A 300 2.45 -6.54 -17.59
C ASN A 300 2.74 -7.89 -18.23
N LEU A 301 3.73 -8.60 -17.68
CA LEU A 301 4.13 -9.90 -18.23
C LEU A 301 3.04 -10.93 -18.00
N GLN A 302 2.82 -11.78 -19.02
CA GLN A 302 1.78 -12.81 -18.96
C GLN A 302 2.36 -14.19 -19.28
N ALA B 1 -1.83 -7.70 15.26
CA ALA B 1 -0.50 -7.13 15.31
C ALA B 1 0.02 -6.76 13.94
N GLY B 2 1.11 -6.00 13.91
CA GLY B 2 1.72 -5.60 12.66
C GLY B 2 1.55 -4.12 12.39
N LEU B 3 2.32 -3.66 11.41
CA LEU B 3 2.27 -2.27 10.98
C LEU B 3 2.60 -2.26 9.50
N ARG B 4 1.69 -1.73 8.70
CA ARG B 4 1.86 -1.62 7.26
C ARG B 4 1.41 -0.24 6.81
N LYS B 5 2.10 0.31 5.81
CA LYS B 5 1.60 1.51 5.15
C LYS B 5 0.40 1.13 4.28
N MET B 6 -0.78 1.59 4.67
CA MET B 6 -2.04 1.19 4.07
C MET B 6 -2.68 2.36 3.35
N ALA B 7 -3.37 2.05 2.27
CA ALA B 7 -4.25 3.00 1.65
C ALA B 7 -5.68 2.71 2.10
N GLN B 8 -6.51 3.70 2.06
CA GLN B 8 -7.92 3.43 2.28
C GLN B 8 -8.54 2.85 1.01
N PRO B 9 -9.64 2.10 1.12
CA PRO B 9 -10.23 1.49 -0.07
C PRO B 9 -10.51 2.56 -1.12
N SER B 10 -10.18 2.27 -2.37
CA SER B 10 -10.12 3.30 -3.40
C SER B 10 -11.40 3.40 -4.23
N GLY B 11 -12.40 2.56 -3.98
CA GLY B 11 -13.56 2.49 -4.87
C GLY B 11 -14.22 3.84 -5.16
N VAL B 12 -14.47 4.62 -4.11
CA VAL B 12 -15.20 5.88 -4.30
C VAL B 12 -14.43 6.88 -5.15
N VAL B 13 -13.10 6.81 -5.16
CA VAL B 13 -12.31 7.73 -5.98
C VAL B 13 -12.12 7.19 -7.39
N GLU B 14 -12.06 5.87 -7.56
CA GLU B 14 -11.89 5.31 -8.90
C GLU B 14 -12.92 5.84 -9.89
N LYS B 15 -14.16 6.02 -9.43
CA LYS B 15 -15.22 6.44 -10.32
C LYS B 15 -15.12 7.90 -10.73
N CYS B 16 -14.13 8.61 -10.21
CA CYS B 16 -13.95 10.04 -10.51
C CYS B 16 -12.81 10.30 -11.46
N ILE B 17 -12.11 9.27 -11.93
CA ILE B 17 -10.94 9.46 -12.78
C ILE B 17 -11.39 9.53 -14.23
N VAL B 18 -10.85 10.51 -14.96
CA VAL B 18 -11.09 10.59 -16.39
C VAL B 18 -9.76 10.78 -17.11
N ARG B 19 -9.78 10.45 -18.40
CA ARG B 19 -8.68 10.71 -19.30
C ARG B 19 -8.87 12.08 -19.93
N VAL B 20 -7.83 12.92 -19.88
CA VAL B 20 -7.90 14.27 -20.46
C VAL B 20 -6.79 14.39 -21.50
N CYS B 21 -7.17 14.65 -22.75
CA CYS B 21 -6.23 14.78 -23.85
C CYS B 21 -6.36 16.15 -24.49
N TYR B 22 -5.22 16.76 -24.82
CA TYR B 22 -5.24 17.97 -25.63
C TYR B 22 -4.00 17.97 -26.51
N GLY B 23 -4.19 18.02 -27.82
CA GLY B 23 -3.05 17.97 -28.72
C GLY B 23 -2.30 16.67 -28.56
N ASN B 24 -0.98 16.77 -28.35
CA ASN B 24 -0.15 15.59 -28.14
C ASN B 24 -0.01 15.21 -26.68
N MET B 25 -0.68 15.92 -25.77
CA MET B 25 -0.60 15.66 -24.34
C MET B 25 -1.80 14.84 -23.88
N ALA B 26 -1.52 13.85 -23.03
CA ALA B 26 -2.57 13.06 -22.40
C ALA B 26 -2.23 12.78 -20.95
N LEU B 27 -3.17 13.06 -20.06
CA LEU B 27 -2.97 12.77 -18.64
C LEU B 27 -4.32 12.46 -18.02
N ASN B 28 -4.41 12.56 -16.70
CA ASN B 28 -5.59 12.20 -15.94
C ASN B 28 -6.21 13.45 -15.33
N GLY B 29 -7.53 13.40 -15.17
CA GLY B 29 -8.24 14.44 -14.48
C GLY B 29 -9.19 13.84 -13.48
N LEU B 30 -9.78 14.70 -12.67
CA LEU B 30 -10.71 14.34 -11.61
C LEU B 30 -12.06 14.96 -11.95
N TRP B 31 -13.08 14.11 -12.09
CA TRP B 31 -14.41 14.52 -12.52
C TRP B 31 -15.31 14.55 -11.29
N LEU B 32 -15.64 15.75 -10.84
CA LEU B 32 -16.49 15.96 -9.67
C LEU B 32 -17.62 16.90 -10.09
N GLY B 33 -18.87 16.49 -9.85
CA GLY B 33 -19.99 17.28 -10.33
C GLY B 33 -19.90 17.44 -11.83
N ASP B 34 -20.01 18.69 -12.30
CA ASP B 34 -19.87 18.98 -13.73
C ASP B 34 -18.51 19.61 -14.06
N THR B 35 -17.47 19.31 -13.29
CA THR B 35 -16.17 19.88 -13.59
C THR B 35 -15.11 18.79 -13.61
N VAL B 36 -14.13 18.96 -14.49
CA VAL B 36 -12.96 18.10 -14.55
C VAL B 36 -11.75 18.98 -14.22
N ILE B 37 -10.95 18.55 -13.24
CA ILE B 37 -9.77 19.26 -12.78
C ILE B 37 -8.55 18.46 -13.23
N CYS B 38 -7.59 19.14 -13.83
CA CYS B 38 -6.38 18.46 -14.25
C CYS B 38 -5.22 19.45 -14.26
N PRO B 39 -3.98 18.97 -14.29
CA PRO B 39 -2.85 19.90 -14.41
C PRO B 39 -2.94 20.73 -15.68
N ARG B 40 -2.57 22.00 -15.57
CA ARG B 40 -2.63 22.85 -16.76
C ARG B 40 -1.54 22.52 -17.78
N HIS B 41 -0.51 21.76 -17.42
CA HIS B 41 0.49 21.53 -18.47
C HIS B 41 -0.03 20.61 -19.58
N VAL B 42 -1.27 20.11 -19.47
CA VAL B 42 -1.86 19.39 -20.60
C VAL B 42 -2.04 20.29 -21.81
N ILE B 43 -2.03 21.62 -21.63
CA ILE B 43 -2.12 22.53 -22.78
C ILE B 43 -0.77 23.12 -23.16
N ALA B 44 0.31 22.67 -22.53
CA ALA B 44 1.63 23.06 -22.99
C ALA B 44 1.94 22.33 -24.29
N SER B 45 2.67 23.00 -25.18
CA SER B 45 3.07 22.38 -26.43
C SER B 45 4.44 21.74 -26.22
N SER B 46 4.49 20.41 -26.29
CA SER B 46 5.73 19.68 -26.08
C SER B 46 6.27 19.89 -24.67
N THR B 47 7.53 19.52 -24.47
CA THR B 47 8.21 19.72 -23.19
C THR B 47 9.58 20.36 -23.40
N THR B 48 9.91 20.76 -24.62
CA THR B 48 11.26 21.24 -24.90
C THR B 48 11.53 22.59 -24.25
N SER B 49 10.54 23.49 -24.25
CA SER B 49 10.79 24.87 -23.85
C SER B 49 9.60 25.41 -23.05
N THR B 50 9.85 26.54 -22.39
CA THR B 50 8.85 27.20 -21.58
C THR B 50 7.68 27.67 -22.44
N ILE B 51 6.48 27.68 -21.84
CA ILE B 51 5.32 28.28 -22.48
C ILE B 51 4.61 29.21 -21.50
N ASP B 52 3.88 30.14 -22.10
CA ASP B 52 3.03 31.10 -21.40
C ASP B 52 1.65 30.46 -21.27
N TYR B 53 1.29 30.02 -20.07
CA TYR B 53 0.02 29.32 -19.90
C TYR B 53 -1.17 30.23 -20.16
N ASP B 54 -1.05 31.51 -19.83
CA ASP B 54 -2.15 32.42 -20.14
C ASP B 54 -2.36 32.54 -21.64
N TYR B 55 -1.27 32.68 -22.41
CA TYR B 55 -1.43 32.72 -23.85
C TYR B 55 -2.03 31.41 -24.35
N ALA B 56 -1.49 30.29 -23.88
CA ALA B 56 -2.00 28.98 -24.29
C ALA B 56 -3.50 28.90 -24.08
N LEU B 57 -3.98 29.31 -22.90
CA LEU B 57 -5.40 29.27 -22.61
C LEU B 57 -6.18 30.24 -23.49
N SER B 58 -5.59 31.39 -23.83
CA SER B 58 -6.32 32.40 -24.60
C SER B 58 -6.62 31.96 -26.03
N VAL B 59 -5.86 31.02 -26.60
CA VAL B 59 -6.10 30.59 -27.97
C VAL B 59 -6.60 29.16 -28.02
N LEU B 60 -6.98 28.59 -26.88
CA LEU B 60 -7.42 27.21 -26.83
C LEU B 60 -8.76 27.04 -27.54
N ARG B 61 -8.94 25.89 -28.19
CA ARG B 61 -10.20 25.53 -28.81
C ARG B 61 -10.84 24.43 -27.98
N LEU B 62 -12.03 24.69 -27.45
CA LEU B 62 -12.66 23.72 -26.55
C LEU B 62 -12.79 22.35 -27.19
N HIS B 63 -13.11 22.31 -28.49
CA HIS B 63 -13.31 20.99 -29.09
C HIS B 63 -11.99 20.25 -29.30
N ASN B 64 -10.84 20.85 -29.02
CA ASN B 64 -9.60 20.09 -29.08
C ASN B 64 -9.37 19.23 -27.85
N PHE B 65 -10.14 19.42 -26.78
CA PHE B 65 -10.10 18.49 -25.65
C PHE B 65 -10.85 17.22 -25.98
N SER B 66 -10.29 16.09 -25.57
CA SER B 66 -11.05 14.85 -25.51
C SER B 66 -10.98 14.34 -24.08
N ILE B 67 -12.15 14.26 -23.43
CA ILE B 67 -12.27 13.91 -22.03
C ILE B 67 -13.22 12.73 -21.95
N SER B 68 -12.75 11.62 -21.35
CA SER B 68 -13.53 10.39 -21.32
C SER B 68 -13.50 9.74 -19.94
N SER B 69 -14.66 9.23 -19.54
CA SER B 69 -14.80 8.33 -18.41
C SER B 69 -15.09 6.96 -19.01
N GLY B 70 -14.11 6.07 -18.97
CA GLY B 70 -14.24 4.85 -19.73
C GLY B 70 -14.35 5.16 -21.21
N ASN B 71 -15.32 4.54 -21.89
CA ASN B 71 -15.55 4.83 -23.28
C ASN B 71 -16.58 5.94 -23.47
N VAL B 72 -16.95 6.63 -22.41
CA VAL B 72 -17.94 7.72 -22.46
C VAL B 72 -17.18 9.05 -22.57
N PHE B 73 -17.34 9.74 -23.69
CA PHE B 73 -16.70 11.02 -23.87
C PHE B 73 -17.61 12.17 -23.44
N LEU B 74 -17.02 13.14 -22.76
CA LEU B 74 -17.73 14.30 -22.22
C LEU B 74 -17.55 15.50 -23.14
N GLY B 75 -18.62 16.26 -23.32
CA GLY B 75 -18.51 17.52 -24.03
C GLY B 75 -17.92 18.58 -23.12
N VAL B 76 -17.03 19.39 -23.69
CA VAL B 76 -16.39 20.48 -22.98
C VAL B 76 -17.12 21.78 -23.30
N VAL B 77 -17.52 22.52 -22.27
CA VAL B 77 -18.27 23.76 -22.46
C VAL B 77 -17.53 24.99 -21.95
N GLY B 78 -16.45 24.85 -21.21
CA GLY B 78 -15.68 25.99 -20.76
C GLY B 78 -14.42 25.54 -20.05
N VAL B 79 -13.45 26.45 -19.97
CA VAL B 79 -12.19 26.16 -19.29
C VAL B 79 -11.68 27.45 -18.66
N THR B 80 -11.31 27.39 -17.38
CA THR B 80 -10.62 28.50 -16.75
C THR B 80 -9.40 27.98 -15.99
N MET B 81 -8.50 28.90 -15.67
CA MET B 81 -7.25 28.60 -15.00
C MET B 81 -7.40 28.71 -13.49
N ARG B 82 -6.82 27.72 -12.77
CA ARG B 82 -6.87 27.68 -11.31
C ARG B 82 -5.46 27.37 -10.82
N GLY B 83 -4.61 28.38 -10.69
CA GLY B 83 -3.22 28.10 -10.32
C GLY B 83 -2.59 27.20 -11.37
N ALA B 84 -1.97 26.10 -10.90
CA ALA B 84 -1.35 25.12 -11.79
C ALA B 84 -2.35 24.08 -12.33
N LEU B 85 -3.65 24.35 -12.20
CA LEU B 85 -4.69 23.47 -12.69
C LEU B 85 -5.57 24.17 -13.71
N LEU B 86 -6.31 23.36 -14.46
CA LEU B 86 -7.45 23.80 -15.25
C LEU B 86 -8.72 23.31 -14.59
N GLN B 87 -9.74 24.16 -14.61
CA GLN B 87 -11.10 23.79 -14.26
C GLN B 87 -11.88 23.72 -15.56
N ILE B 88 -12.20 22.51 -16.00
CA ILE B 88 -12.88 22.28 -17.27
C ILE B 88 -14.35 22.01 -16.97
N LYS B 89 -15.24 22.87 -17.47
CA LYS B 89 -16.66 22.60 -17.33
C LYS B 89 -17.11 21.64 -18.43
N VAL B 90 -17.84 20.59 -18.05
CA VAL B 90 -18.28 19.58 -18.99
C VAL B 90 -19.82 19.53 -18.98
N ASN B 91 -20.37 18.85 -19.98
CA ASN B 91 -21.81 18.78 -20.26
CA ASN B 91 -21.82 18.86 -20.17
C ASN B 91 -22.55 17.71 -19.47
N GLN B 92 -21.88 17.00 -18.56
CA GLN B 92 -22.55 15.95 -17.79
C GLN B 92 -22.05 15.97 -16.35
N ASN B 93 -22.97 15.71 -15.43
CA ASN B 93 -22.63 15.58 -14.02
C ASN B 93 -22.17 14.15 -13.75
N ASN B 94 -21.12 14.01 -12.95
CA ASN B 94 -20.68 12.69 -12.50
C ASN B 94 -21.62 12.22 -11.40
N VAL B 95 -22.45 11.22 -11.71
CA VAL B 95 -23.42 10.75 -10.72
C VAL B 95 -22.77 9.96 -9.60
N HIS B 96 -21.49 9.61 -9.77
CA HIS B 96 -20.75 8.92 -8.73
C HIS B 96 -19.84 9.86 -7.95
N THR B 97 -20.13 11.16 -7.97
CA THR B 97 -19.32 12.09 -7.19
C THR B 97 -19.55 11.81 -5.72
N PRO B 98 -18.50 11.57 -4.94
CA PRO B 98 -18.66 11.37 -3.50
C PRO B 98 -18.84 12.70 -2.79
N LYS B 99 -19.29 12.62 -1.56
CA LYS B 99 -19.13 13.76 -0.66
C LYS B 99 -17.64 14.06 -0.56
N TYR B 100 -17.24 15.33 -0.78
CA TYR B 100 -15.81 15.60 -0.78
C TYR B 100 -15.50 17.02 -0.30
N THR B 101 -14.25 17.20 0.11
CA THR B 101 -13.69 18.50 0.42
C THR B 101 -12.30 18.60 -0.20
N TYR B 102 -11.72 19.79 -0.16
CA TYR B 102 -10.30 20.00 -0.43
C TYR B 102 -9.61 20.40 0.86
N ARG B 103 -8.35 19.96 1.03
CA ARG B 103 -7.49 20.51 2.08
C ARG B 103 -6.03 20.40 1.67
N THR B 104 -5.27 21.44 2.00
CA THR B 104 -3.84 21.49 1.74
C THR B 104 -3.12 20.88 2.94
N VAL B 105 -2.32 19.84 2.69
CA VAL B 105 -1.63 19.15 3.79
C VAL B 105 -0.32 19.87 4.07
N ARG B 106 0.22 19.60 5.27
CA ARG B 106 1.48 20.12 5.79
C ARG B 106 2.55 19.05 5.73
N PRO B 107 3.83 19.43 5.75
CA PRO B 107 4.88 18.41 5.78
C PRO B 107 4.66 17.47 6.95
N GLY B 108 4.89 16.17 6.71
CA GLY B 108 4.70 15.15 7.71
C GLY B 108 3.35 14.48 7.69
N GLU B 109 2.39 15.02 6.92
CA GLU B 109 1.07 14.42 6.85
C GLU B 109 1.01 13.31 5.82
N SER B 110 0.19 12.32 6.11
CA SER B 110 -0.04 11.19 5.23
C SER B 110 -1.28 11.37 4.37
N PHE B 111 -1.25 10.77 3.18
CA PHE B 111 -2.44 10.67 2.35
C PHE B 111 -2.27 9.50 1.40
N ASN B 112 -3.35 9.20 0.68
CA ASN B 112 -3.40 8.08 -0.26
C ASN B 112 -3.15 8.61 -1.66
N ILE B 113 -2.38 7.87 -2.44
CA ILE B 113 -2.20 8.16 -3.86
C ILE B 113 -2.92 7.11 -4.66
N LEU B 114 -3.81 7.54 -5.57
CA LEU B 114 -4.38 6.65 -6.57
C LEU B 114 -3.63 6.90 -7.88
N ALA B 115 -2.69 6.00 -8.21
CA ALA B 115 -1.86 6.16 -9.39
C ALA B 115 -2.68 5.77 -10.62
N CYS B 116 -2.77 6.68 -11.59
CA CYS B 116 -3.67 6.53 -12.73
C CYS B 116 -2.92 6.70 -14.03
N TYR B 117 -3.35 5.95 -15.06
CA TYR B 117 -2.80 6.06 -16.40
C TYR B 117 -3.94 5.94 -17.39
N ASP B 118 -3.90 6.80 -18.41
CA ASP B 118 -4.92 6.76 -19.46
C ASP B 118 -6.32 6.87 -18.88
N GLY B 119 -6.44 7.58 -17.75
CA GLY B 119 -7.75 7.84 -17.18
C GLY B 119 -8.33 6.72 -16.36
N SER B 120 -7.53 5.76 -15.91
CA SER B 120 -8.05 4.68 -15.08
C SER B 120 -7.02 4.34 -14.02
N ALA B 121 -7.50 4.08 -12.82
CA ALA B 121 -6.61 3.81 -11.69
C ALA B 121 -5.86 2.50 -11.92
N ALA B 122 -4.58 2.50 -11.56
CA ALA B 122 -3.73 1.33 -11.73
C ALA B 122 -3.17 0.80 -10.42
N GLY B 123 -3.01 1.65 -9.41
CA GLY B 123 -2.49 1.21 -8.13
C GLY B 123 -2.81 2.25 -7.08
N VAL B 124 -2.78 1.82 -5.82
CA VAL B 124 -3.10 2.68 -4.69
C VAL B 124 -2.09 2.42 -3.58
N TYR B 125 -1.60 3.50 -2.97
CA TYR B 125 -0.60 3.36 -1.92
C TYR B 125 -0.58 4.64 -1.09
N GLY B 126 -0.18 4.51 0.16
CA GLY B 126 -0.05 5.67 1.03
C GLY B 126 1.30 6.36 0.88
N VAL B 127 1.31 7.67 1.11
CA VAL B 127 2.54 8.49 1.08
C VAL B 127 2.56 9.41 2.29
N ASN B 128 3.61 10.21 2.38
CA ASN B 128 3.74 11.18 3.46
C ASN B 128 4.50 12.38 2.91
N MET B 129 3.93 13.56 3.08
CA MET B 129 4.52 14.77 2.54
C MET B 129 5.82 15.09 3.29
N ARG B 130 6.92 15.16 2.54
CA ARG B 130 8.23 15.39 3.12
C ARG B 130 8.41 16.87 3.46
N SER B 131 9.47 17.15 4.21
CA SER B 131 9.74 18.53 4.59
C SER B 131 10.13 19.40 3.40
N ASN B 132 10.64 18.83 2.31
CA ASN B 132 10.90 19.61 1.11
C ASN B 132 9.70 19.60 0.16
N TYR B 133 8.53 19.22 0.66
CA TYR B 133 7.28 19.28 -0.09
C TYR B 133 7.31 18.38 -1.33
N THR B 134 7.99 17.26 -1.26
CA THR B 134 7.90 16.23 -2.28
C THR B 134 7.34 14.97 -1.62
N ILE B 135 6.84 14.06 -2.45
CA ILE B 135 6.48 12.74 -1.96
C ILE B 135 7.37 11.72 -2.66
N ARG B 136 7.56 10.59 -1.99
CA ARG B 136 8.29 9.45 -2.55
C ARG B 136 7.23 8.57 -3.19
N GLY B 137 6.87 8.90 -4.43
CA GLY B 137 5.90 8.13 -5.17
C GLY B 137 6.54 7.02 -5.98
N SER B 138 5.69 6.27 -6.65
CA SER B 138 6.09 5.41 -7.76
C SER B 138 5.19 5.77 -8.91
N PHE B 139 5.76 6.43 -9.91
CA PHE B 139 5.02 6.92 -11.07
C PHE B 139 5.92 6.79 -12.28
N ILE B 140 5.31 6.50 -13.43
CA ILE B 140 6.01 6.65 -14.68
C ILE B 140 5.24 7.63 -15.58
N ASN B 141 5.71 7.81 -16.80
CA ASN B 141 5.10 8.77 -17.71
C ASN B 141 3.60 8.58 -17.80
N GLY B 142 2.87 9.69 -17.79
CA GLY B 142 1.43 9.67 -17.91
C GLY B 142 0.67 9.64 -16.60
N ALA B 143 1.37 9.62 -15.46
CA ALA B 143 0.71 9.62 -14.16
C ALA B 143 0.17 10.99 -13.75
N CYS B 144 0.53 12.06 -14.45
CA CYS B 144 0.11 13.39 -14.02
C CYS B 144 -1.40 13.45 -13.93
N GLY B 145 -1.89 14.16 -12.91
CA GLY B 145 -3.32 14.24 -12.63
C GLY B 145 -3.81 13.18 -11.66
N SER B 146 -2.95 12.24 -11.27
CA SER B 146 -3.35 11.25 -10.28
C SER B 146 -3.65 11.95 -8.97
N PRO B 147 -4.74 11.62 -8.29
CA PRO B 147 -5.11 12.32 -7.06
C PRO B 147 -4.54 11.68 -5.81
N GLY B 148 -4.31 12.56 -4.84
CA GLY B 148 -4.03 12.16 -3.47
C GLY B 148 -5.14 12.63 -2.56
N TYR B 149 -5.45 11.84 -1.54
CA TYR B 149 -6.63 12.14 -0.75
C TYR B 149 -6.62 11.30 0.52
N ASN B 150 -7.54 11.67 1.41
CA ASN B 150 -7.88 10.89 2.60
C ASN B 150 -9.39 10.68 2.62
N ILE B 151 -9.83 9.63 3.30
CA ILE B 151 -11.26 9.38 3.46
C ILE B 151 -11.58 9.33 4.94
N ASN B 152 -12.54 10.15 5.37
CA ASN B 152 -12.94 10.25 6.77
C ASN B 152 -14.45 10.19 6.83
N ASN B 153 -14.99 9.06 7.31
CA ASN B 153 -16.44 8.89 7.43
C ASN B 153 -17.13 9.09 6.08
N GLY B 154 -16.56 8.48 5.04
CA GLY B 154 -17.17 8.53 3.73
C GLY B 154 -16.94 9.80 2.94
N THR B 155 -16.42 10.86 3.55
CA THR B 155 -16.08 12.08 2.83
C THR B 155 -14.63 11.99 2.35
N VAL B 156 -14.43 12.26 1.07
CA VAL B 156 -13.10 12.24 0.47
C VAL B 156 -12.52 13.64 0.58
N GLU B 157 -11.35 13.73 1.20
CA GLU B 157 -10.62 14.99 1.33
C GLU B 157 -9.47 14.97 0.33
N PHE B 158 -9.65 15.67 -0.79
CA PHE B 158 -8.60 15.71 -1.80
C PHE B 158 -7.53 16.72 -1.40
N CYS B 159 -6.26 16.28 -1.42
CA CYS B 159 -5.16 17.15 -1.07
C CYS B 159 -4.06 17.27 -2.12
N TYR B 160 -4.12 16.53 -3.21
CA TYR B 160 -2.97 16.51 -4.10
C TYR B 160 -3.40 16.09 -5.49
N LEU B 161 -2.81 16.71 -6.49
CA LEU B 161 -2.95 16.27 -7.87
C LEU B 161 -1.55 16.23 -8.45
N HIS B 162 -1.14 15.06 -8.96
CA HIS B 162 0.25 14.89 -9.34
C HIS B 162 0.61 15.76 -10.54
N GLN B 163 1.76 16.43 -10.46
CA GLN B 163 2.18 17.38 -11.49
C GLN B 163 3.42 16.95 -12.25
N LEU B 164 4.50 16.54 -11.56
CA LEU B 164 5.75 16.33 -12.27
C LEU B 164 6.73 15.56 -11.39
N GLU B 165 7.80 15.11 -12.02
CA GLU B 165 8.89 14.37 -11.38
C GLU B 165 10.17 15.17 -11.55
N LEU B 166 11.01 15.18 -10.52
CA LEU B 166 12.26 15.90 -10.56
C LEU B 166 13.40 14.95 -10.88
N GLY B 167 14.59 15.51 -11.07
CA GLY B 167 15.72 14.72 -11.54
C GLY B 167 16.04 13.57 -10.60
N SER B 168 15.88 13.78 -9.31
CA SER B 168 16.21 12.76 -8.33
C SER B 168 15.12 11.69 -8.17
N GLY B 169 13.97 11.85 -8.85
CA GLY B 169 12.90 10.88 -8.77
C GLY B 169 11.76 11.25 -7.84
N CYS B 170 11.94 12.27 -7.00
CA CYS B 170 10.87 12.68 -6.11
C CYS B 170 9.76 13.36 -6.89
N HIS B 171 8.59 13.42 -6.28
CA HIS B 171 7.39 13.77 -7.02
C HIS B 171 6.77 15.03 -6.45
N VAL B 172 6.31 15.89 -7.36
CA VAL B 172 5.76 17.19 -7.04
C VAL B 172 4.33 17.26 -7.52
N GLY B 173 3.45 17.83 -6.69
CA GLY B 173 2.06 18.04 -7.04
C GLY B 173 1.57 19.39 -6.53
N SER B 174 0.31 19.68 -6.84
CA SER B 174 -0.37 20.86 -6.32
C SER B 174 -1.52 20.38 -5.46
N ASP B 175 -2.00 21.26 -4.58
CA ASP B 175 -3.30 21.02 -3.97
C ASP B 175 -4.39 21.29 -5.01
N LEU B 176 -5.64 21.01 -4.64
CA LEU B 176 -6.74 21.11 -5.60
C LEU B 176 -7.18 22.54 -5.83
N ASP B 177 -6.61 23.50 -5.08
CA ASP B 177 -6.78 24.90 -5.41
C ASP B 177 -5.76 25.39 -6.41
N GLY B 178 -4.85 24.52 -6.85
CA GLY B 178 -3.86 24.86 -7.83
C GLY B 178 -2.56 25.42 -7.28
N VAL B 179 -2.34 25.33 -5.96
CA VAL B 179 -1.13 25.86 -5.34
C VAL B 179 -0.10 24.75 -5.28
N MET B 180 1.02 24.95 -5.96
CA MET B 180 2.02 23.88 -5.99
C MET B 180 2.65 23.70 -4.61
N TYR B 181 2.69 22.46 -4.13
CA TYR B 181 3.42 22.18 -2.91
C TYR B 181 4.90 22.55 -3.06
N GLY B 182 5.41 23.34 -2.13
CA GLY B 182 6.81 23.69 -2.15
C GLY B 182 7.17 24.82 -3.09
N GLY B 183 6.21 25.34 -3.88
CA GLY B 183 6.51 26.42 -4.77
C GLY B 183 7.23 26.03 -6.04
N TYR B 184 7.35 24.74 -6.32
CA TYR B 184 8.02 24.31 -7.54
C TYR B 184 7.21 24.77 -8.74
N GLU B 185 7.90 25.03 -9.85
CA GLU B 185 7.25 25.52 -11.05
C GLU B 185 6.80 24.35 -11.92
N ASP B 186 5.61 24.49 -12.53
CA ASP B 186 5.17 23.52 -13.53
C ASP B 186 5.71 23.95 -14.89
N GLN B 187 7.03 23.89 -14.99
CA GLN B 187 7.80 24.31 -16.16
C GLN B 187 8.91 23.31 -16.38
N PRO B 188 9.42 23.19 -17.61
CA PRO B 188 10.66 22.43 -17.84
C PRO B 188 11.84 23.30 -17.46
N THR B 189 12.56 22.88 -16.41
CA THR B 189 13.61 23.70 -15.84
C THR B 189 14.66 22.79 -15.25
N LEU B 190 15.65 23.41 -14.60
CA LEU B 190 16.70 22.67 -13.91
C LEU B 190 16.49 22.63 -12.40
N GLN B 191 15.27 22.87 -11.93
CA GLN B 191 14.99 22.99 -10.50
C GLN B 191 15.25 21.67 -9.77
N VAL B 192 15.73 21.80 -8.53
CA VAL B 192 16.04 20.66 -7.67
C VAL B 192 15.36 20.86 -6.32
N GLU B 193 14.99 19.74 -5.68
CA GLU B 193 14.27 19.85 -4.41
C GLU B 193 15.21 20.26 -3.29
N GLY B 194 14.65 20.90 -2.27
CA GLY B 194 15.42 21.28 -1.11
C GLY B 194 15.84 20.08 -0.29
N ALA B 195 16.70 20.36 0.69
CA ALA B 195 17.25 19.31 1.52
C ALA B 195 16.14 18.50 2.19
N SER B 196 16.31 17.19 2.19
CA SER B 196 15.38 16.29 2.86
C SER B 196 15.83 16.06 4.30
N SER B 197 14.86 15.78 5.17
CA SER B 197 15.10 15.54 6.58
C SER B 197 14.07 14.55 7.08
N LEU B 198 14.46 13.71 8.03
CA LEU B 198 13.51 12.77 8.62
C LEU B 198 12.54 13.51 9.53
N PHE B 199 11.25 13.20 9.40
CA PHE B 199 10.24 13.89 10.18
C PHE B 199 10.13 13.26 11.55
N THR B 200 10.68 13.93 12.55
CA THR B 200 10.90 13.29 13.85
C THR B 200 9.59 12.91 14.53
N GLU B 201 8.56 13.74 14.39
CA GLU B 201 7.26 13.41 14.99
C GLU B 201 6.73 12.09 14.46
N ASN B 202 7.02 11.78 13.19
CA ASN B 202 6.60 10.49 12.63
C ASN B 202 7.48 9.35 13.13
N VAL B 203 8.79 9.57 13.30
CA VAL B 203 9.63 8.53 13.88
C VAL B 203 9.13 8.18 15.27
N LEU B 204 8.71 9.18 16.05
CA LEU B 204 8.17 8.93 17.38
C LEU B 204 6.93 8.06 17.30
N ALA B 205 6.01 8.40 16.39
CA ALA B 205 4.83 7.57 16.18
C ALA B 205 5.21 6.14 15.87
N PHE B 206 6.20 5.97 14.99
CA PHE B 206 6.64 4.63 14.60
C PHE B 206 7.20 3.87 15.79
N LEU B 207 8.02 4.53 16.61
CA LEU B 207 8.59 3.85 17.77
C LEU B 207 7.53 3.49 18.79
N TYR B 208 6.48 4.31 18.94
CA TYR B 208 5.37 3.88 19.77
C TYR B 208 4.69 2.64 19.19
N ALA B 209 4.47 2.62 17.87
CA ALA B 209 3.92 1.43 17.23
C ALA B 209 4.78 0.20 17.51
N ALA B 210 6.10 0.36 17.48
CA ALA B 210 7.00 -0.74 17.81
C ALA B 210 6.75 -1.25 19.22
N LEU B 211 6.72 -0.33 20.20
CA LEU B 211 6.45 -0.72 21.58
C LEU B 211 5.13 -1.46 21.70
N ILE B 212 4.07 -0.90 21.10
CA ILE B 212 2.75 -1.53 21.13
C ILE B 212 2.82 -2.95 20.60
N ASN B 213 3.70 -3.20 19.63
CA ASN B 213 3.87 -4.50 19.02
C ASN B 213 4.92 -5.34 19.73
N GLY B 214 5.39 -4.93 20.91
CA GLY B 214 6.33 -5.72 21.66
C GLY B 214 7.77 -5.64 21.23
N SER B 215 8.14 -4.59 20.49
CA SER B 215 9.52 -4.37 20.07
C SER B 215 10.15 -3.34 20.99
N THR B 216 11.17 -3.77 21.76
CA THR B 216 11.78 -2.93 22.79
C THR B 216 13.29 -2.96 22.82
N TRP B 217 13.95 -3.73 21.94
CA TRP B 217 15.41 -3.89 22.03
C TRP B 217 16.15 -2.57 21.94
N TRP B 218 15.55 -1.58 21.27
CA TRP B 218 16.12 -0.27 20.98
C TRP B 218 15.79 0.78 22.03
N LEU B 219 14.97 0.47 23.02
CA LEU B 219 14.48 1.48 23.96
C LEU B 219 15.60 1.91 24.89
N SER B 220 15.92 3.19 24.87
CA SER B 220 16.96 3.71 25.75
C SER B 220 16.53 3.62 27.21
N SER B 221 17.49 3.34 28.08
CA SER B 221 17.20 3.38 29.51
C SER B 221 17.29 4.79 30.09
N SER B 222 17.59 5.79 29.26
CA SER B 222 17.76 7.17 29.70
C SER B 222 16.82 8.09 28.91
N ARG B 223 16.86 9.38 29.25
CA ARG B 223 15.99 10.37 28.65
C ARG B 223 16.80 11.56 28.16
N ILE B 224 16.21 12.33 27.25
CA ILE B 224 16.74 13.63 26.86
C ILE B 224 15.57 14.59 26.69
N ALA B 225 15.76 15.82 27.17
CA ALA B 225 14.74 16.84 27.05
C ALA B 225 14.60 17.29 25.60
N VAL B 226 13.39 17.77 25.27
CA VAL B 226 13.08 18.11 23.88
C VAL B 226 14.02 19.20 23.36
N ASP B 227 14.26 20.25 24.16
CA ASP B 227 15.08 21.34 23.67
C ASP B 227 16.49 20.85 23.32
N ARG B 228 17.07 20.00 24.16
CA ARG B 228 18.40 19.47 23.86
C ARG B 228 18.37 18.57 22.63
N PHE B 229 17.30 17.77 22.48
CA PHE B 229 17.19 16.96 21.27
C PHE B 229 17.13 17.84 20.03
N ASN B 230 16.34 18.91 20.07
CA ASN B 230 16.16 19.76 18.90
C ASN B 230 17.48 20.39 18.46
N GLU B 231 18.37 20.73 19.40
CA GLU B 231 19.69 21.20 19.02
C GLU B 231 20.44 20.13 18.24
N TRP B 232 20.43 18.89 18.75
CA TRP B 232 21.08 17.79 18.06
C TRP B 232 20.42 17.49 16.73
N ALA B 233 19.10 17.59 16.68
CA ALA B 233 18.37 17.13 15.51
C ALA B 233 18.77 17.90 14.26
N VAL B 234 18.84 19.23 14.38
CA VAL B 234 19.15 20.06 13.22
C VAL B 234 20.57 19.87 12.71
N HIS B 235 21.41 19.14 13.44
CA HIS B 235 22.76 18.82 12.98
C HIS B 235 22.89 17.37 12.54
N ASN B 236 21.78 16.62 12.52
CA ASN B 236 21.82 15.20 12.23
C ASN B 236 20.65 14.77 11.32
N GLY B 237 20.18 15.69 10.48
CA GLY B 237 19.24 15.34 9.44
C GLY B 237 17.83 15.03 9.90
N MET B 238 17.41 15.54 11.06
CA MET B 238 16.08 15.29 11.55
C MET B 238 15.39 16.62 11.87
N THR B 239 14.07 16.61 11.79
CA THR B 239 13.32 17.82 12.10
C THR B 239 13.19 17.99 13.62
N THR B 240 12.91 19.22 14.02
CA THR B 240 12.70 19.52 15.42
C THR B 240 11.33 19.04 15.88
N VAL B 241 11.21 18.75 17.17
CA VAL B 241 9.95 18.35 17.76
C VAL B 241 9.26 19.60 18.29
N VAL B 242 8.21 20.02 17.60
CA VAL B 242 7.51 21.26 17.91
C VAL B 242 6.24 21.02 18.71
N ASN B 243 5.40 20.08 18.28
CA ASN B 243 4.16 19.76 18.98
C ASN B 243 4.31 18.39 19.64
N THR B 244 4.11 18.35 20.95
CA THR B 244 4.21 17.12 21.73
C THR B 244 2.85 16.60 22.16
N ASP B 245 1.78 17.40 22.02
CA ASP B 245 0.47 16.98 22.49
C ASP B 245 -0.02 15.74 21.78
N CYS B 246 0.31 15.58 20.50
CA CYS B 246 -0.22 14.47 19.72
C CYS B 246 0.23 13.11 20.23
N PHE B 247 1.23 13.05 21.13
CA PHE B 247 1.70 11.77 21.63
C PHE B 247 1.06 11.39 22.97
N SER B 248 0.24 12.26 23.55
CA SER B 248 -0.40 11.94 24.83
C SER B 248 -1.07 10.58 24.79
N ILE B 249 -1.84 10.29 23.74
CA ILE B 249 -2.61 9.06 23.68
C ILE B 249 -1.67 7.84 23.66
N LEU B 250 -0.56 7.94 22.95
CA LEU B 250 0.35 6.81 22.86
C LEU B 250 1.18 6.62 24.13
N ALA B 251 1.61 7.73 24.75
CA ALA B 251 2.27 7.62 26.04
C ALA B 251 1.32 7.03 27.08
N ALA B 252 0.03 7.35 27.00
CA ALA B 252 -0.93 6.84 27.97
C ALA B 252 -1.14 5.35 27.85
N LYS B 253 -0.80 4.75 26.71
CA LYS B 253 -0.98 3.32 26.52
C LYS B 253 0.32 2.52 26.68
N THR B 254 1.47 3.12 26.41
CA THR B 254 2.75 2.44 26.57
C THR B 254 3.45 2.81 27.86
N GLY B 255 3.07 3.92 28.51
CA GLY B 255 3.72 4.34 29.73
C GLY B 255 5.15 4.79 29.49
N VAL B 256 5.51 4.96 28.23
CA VAL B 256 6.83 5.44 27.84
C VAL B 256 6.69 6.88 27.40
N ASP B 257 7.46 7.75 28.04
CA ASP B 257 7.45 9.17 27.72
C ASP B 257 8.23 9.44 26.44
N VAL B 258 7.97 10.61 25.85
CA VAL B 258 8.64 11.00 24.62
C VAL B 258 10.14 11.18 24.83
N GLN B 259 10.51 11.73 25.99
CA GLN B 259 11.93 12.01 26.25
C GLN B 259 12.76 10.73 26.12
N ARG B 260 12.21 9.60 26.55
CA ARG B 260 12.91 8.32 26.41
C ARG B 260 13.03 7.91 24.95
N LEU B 261 12.02 8.19 24.13
CA LEU B 261 12.09 7.86 22.71
C LEU B 261 13.06 8.76 21.97
N LEU B 262 13.18 10.02 22.37
CA LEU B 262 14.17 10.91 21.77
C LEU B 262 15.58 10.38 22.00
N ALA B 263 15.90 9.99 23.23
CA ALA B 263 17.21 9.40 23.49
C ALA B 263 17.41 8.14 22.67
N SER B 264 16.35 7.37 22.45
CA SER B 264 16.46 6.19 21.61
C SER B 264 16.74 6.55 20.16
N ILE B 265 16.14 7.64 19.66
CA ILE B 265 16.43 8.04 18.30
C ILE B 265 17.92 8.39 18.14
N GLN B 266 18.50 9.09 19.11
CA GLN B 266 19.91 9.42 18.99
C GLN B 266 20.76 8.16 18.90
N SER B 267 20.44 7.15 19.72
CA SER B 267 21.24 5.92 19.73
C SER B 267 21.03 5.12 18.45
N LEU B 268 19.79 5.11 17.93
CA LEU B 268 19.55 4.46 16.65
C LEU B 268 20.29 5.17 15.53
N HIS B 269 20.39 6.50 15.62
CA HIS B 269 21.07 7.24 14.57
C HIS B 269 22.56 6.94 14.54
N LYS B 270 23.16 6.63 15.70
CA LYS B 270 24.59 6.39 15.79
C LYS B 270 25.02 5.03 15.25
N ASN B 271 24.09 4.07 15.14
CA ASN B 271 24.34 2.77 14.54
C ASN B 271 23.31 2.49 13.48
N PHE B 272 23.16 3.43 12.56
CA PHE B 272 22.02 3.44 11.65
C PHE B 272 21.99 2.20 10.75
N GLY B 273 21.00 1.35 10.95
CA GLY B 273 20.85 0.14 10.15
C GLY B 273 21.33 -1.13 10.81
N GLY B 274 21.81 -1.07 12.06
CA GLY B 274 22.35 -2.26 12.69
C GLY B 274 21.31 -3.29 13.07
N LYS B 275 20.04 -2.92 13.07
CA LYS B 275 18.96 -3.84 13.36
C LYS B 275 17.66 -3.17 12.91
N GLN B 276 16.73 -3.99 12.43
CA GLN B 276 15.43 -3.51 12.00
C GLN B 276 14.50 -3.34 13.20
N ILE B 277 13.45 -2.56 13.00
CA ILE B 277 12.39 -2.43 13.99
C ILE B 277 11.10 -2.80 13.28
N LEU B 278 10.45 -3.87 13.74
CA LEU B 278 9.23 -4.36 13.09
C LEU B 278 9.43 -4.60 11.60
N GLY B 279 10.64 -5.00 11.20
CA GLY B 279 10.89 -5.23 9.80
C GLY B 279 11.07 -3.97 8.99
N TYR B 280 11.31 -2.82 9.65
CA TYR B 280 11.55 -1.55 9.00
C TYR B 280 12.91 -0.99 9.39
N THR B 281 13.42 -0.13 8.51
CA THR B 281 14.50 0.77 8.92
C THR B 281 14.12 1.46 10.21
N SER B 282 15.09 1.54 11.14
CA SER B 282 14.77 1.96 12.50
C SER B 282 14.23 3.39 12.57
N LEU B 283 14.70 4.28 11.71
CA LEU B 283 14.23 5.67 11.74
C LEU B 283 13.20 5.95 10.64
N THR B 284 12.17 5.12 10.56
CA THR B 284 11.10 5.26 9.58
C THR B 284 10.22 6.45 9.95
N ASP B 285 9.99 7.34 8.97
CA ASP B 285 9.23 8.56 9.23
C ASP B 285 7.98 8.69 8.36
N GLU B 286 7.46 7.59 7.82
CA GLU B 286 6.29 7.65 6.95
C GLU B 286 4.97 7.44 7.70
N PHE B 287 5.00 7.08 8.98
CA PHE B 287 3.78 6.81 9.74
C PHE B 287 3.50 7.96 10.70
N THR B 288 2.26 8.42 10.71
CA THR B 288 1.80 9.45 11.64
C THR B 288 1.15 8.81 12.85
N THR B 289 1.02 9.62 13.91
N THR B 289 1.02 9.62 13.91
CA THR B 289 0.29 9.18 15.09
CA THR B 289 0.30 9.16 15.09
C THR B 289 -1.09 8.69 14.72
C THR B 289 -1.10 8.68 14.72
N GLY B 290 -1.79 9.42 13.85
CA GLY B 290 -3.12 9.01 13.43
C GLY B 290 -3.13 7.64 12.79
N GLU B 291 -2.16 7.36 11.91
CA GLU B 291 -2.09 6.04 11.28
C GLU B 291 -1.84 4.96 12.30
N VAL B 292 -0.93 5.22 13.24
CA VAL B 292 -0.58 4.22 14.24
C VAL B 292 -1.77 3.90 15.12
N ILE B 293 -2.51 4.94 15.55
CA ILE B 293 -3.66 4.71 16.42
C ILE B 293 -4.72 3.90 15.70
N ARG B 294 -4.97 4.20 14.43
CA ARG B 294 -5.97 3.46 13.68
C ARG B 294 -5.59 1.99 13.56
N GLN B 295 -4.32 1.71 13.27
CA GLN B 295 -3.91 0.33 13.01
C GLN B 295 -3.75 -0.48 14.28
N MET B 296 -3.35 0.15 15.37
CA MET B 296 -3.17 -0.58 16.62
C MET B 296 -4.48 -0.79 17.37
N TYR B 297 -5.42 0.16 17.26
CA TYR B 297 -6.62 0.12 18.10
C TYR B 297 -7.92 0.27 17.34
N GLY B 298 -7.88 0.53 16.02
CA GLY B 298 -9.08 0.76 15.25
C GLY B 298 -9.70 2.13 15.44
N VAL B 299 -9.25 2.90 16.42
CA VAL B 299 -9.85 4.21 16.69
C VAL B 299 -9.65 5.11 15.49
N ASN B 300 -10.74 5.75 15.06
CA ASN B 300 -10.70 6.66 13.93
C ASN B 300 -9.74 7.82 14.18
C02 X77 C . -9.44 -13.00 15.59
C04 X77 C . -7.06 -13.41 16.21
C05 X77 C . -6.04 -14.55 16.44
C07 X77 C . -4.45 -16.02 17.80
C08 X77 C . -4.07 -16.28 19.25
C09 X77 C . -3.15 -17.50 19.40
C10 X77 C . -3.76 -18.74 18.82
C11 X77 C . -5.11 -18.48 18.20
C12 X77 C . -5.08 -17.29 17.20
C14 X77 C . -6.37 -12.52 15.20
C15 X77 C . -5.72 -11.42 15.66
C16 X77 C . -5.07 -10.58 14.79
C17 X77 C . -5.06 -10.89 13.44
C19 X77 C . -6.34 -12.81 13.84
C20 X77 C . -8.57 -15.47 15.99
C21 X77 C . -8.87 -16.00 17.25
C22 X77 C . -9.07 -17.39 17.41
C23 X77 C . -8.98 -18.25 16.32
C24 X77 C . -9.21 -19.78 16.51
C25 X77 C . -8.89 -20.55 15.23
C26 X77 C . -10.68 -20.04 16.86
C27 X77 C . -8.35 -20.29 17.65
C28 X77 C . -8.67 -17.72 15.06
C29 X77 C . -8.48 -16.33 14.88
C30 X77 C . -10.90 -13.38 15.29
C31 X77 C . -11.59 -14.47 15.78
C33 X77 C . -12.92 -13.28 14.57
N03 X77 C . -8.36 -13.98 15.89
N06 X77 C . -5.39 -14.89 17.75
N18 X77 C . -5.69 -11.99 12.99
N32 X77 C . -12.82 -14.39 15.31
N34 X77 C . -11.74 -12.66 14.57
O01 X77 C . -9.16 -11.85 15.57
O13 X77 C . -5.75 -15.23 15.50
H041 X77 C . -7.28 -12.84 16.97
H071 X77 C . -3.68 -15.78 17.26
H081 X77 C . -4.87 -16.42 19.77
H082 X77 C . -3.61 -15.50 19.59
H091 X77 C . -2.98 -17.64 20.34
H092 X77 C . -2.31 -17.32 18.94
H101 X77 C . -3.17 -19.09 18.13
H102 X77 C . -3.87 -19.40 19.53
H112 X77 C . -5.40 -19.27 17.73
H111 X77 C . -5.74 -18.27 18.90
H121 X77 C . -4.57 -17.56 16.43
H122 X77 C . -5.99 -17.10 16.94
H151 X77 C . -5.72 -11.22 16.58
H161 X77 C . -4.63 -9.82 15.10
H171 X77 C . -4.62 -10.33 12.84
H191 X77 C . -6.76 -13.57 13.53
H211 X77 C . -8.93 -15.44 17.99
H221 X77 C . -9.27 -17.73 18.25
H251 X77 C . -8.92 -21.51 15.40
H252 X77 C . -8.00 -20.31 14.93
H253 X77 C . -9.53 -20.32 14.54
H261 X77 C . -10.84 -19.78 17.78
H263 X77 C . -10.89 -20.98 16.74
H262 X77 C . -11.26 -19.51 16.28
H272 X77 C . -8.73 -20.02 18.50
H273 X77 C . -7.46 -19.93 17.57
H271 X77 C . -8.30 -21.27 17.62
H281 X77 C . -8.61 -18.28 14.32
H291 X77 C . -8.27 -15.98 14.05
H311 X77 C . -11.25 -15.13 16.33
H331 X77 C . -13.69 -13.00 14.12
H061 X77 C . -5.57 -14.43 18.46
C02 X77 D . 4.83 13.15 -17.66
C04 X77 D . 7.01 13.29 -16.42
C05 X77 D . 7.98 14.36 -15.88
C07 X77 D . 10.03 15.82 -15.89
C08 X77 D . 11.36 16.03 -16.61
C09 X77 D . 12.27 16.97 -15.81
C10 X77 D . 11.54 18.18 -15.30
C11 X77 D . 10.20 18.37 -15.96
C12 X77 D . 9.27 17.15 -15.78
C14 X77 D . 6.63 12.43 -15.23
C15 X77 D . 7.24 11.23 -15.08
C16 X77 D . 6.92 10.43 -14.02
C17 X77 D . 5.99 10.86 -13.08
C19 X77 D . 5.71 12.85 -14.29
C20 X77 D . 5.94 15.47 -17.20
C21 X77 D . 6.59 16.00 -18.32
C22 X77 D . 6.67 17.39 -18.51
C23 X77 D . 6.09 18.25 -17.59
C24 X77 D . 6.16 19.79 -17.83
C25 X77 D . 5.63 20.56 -16.63
C26 X77 D . 5.29 20.14 -19.06
C27 X77 D . 7.60 20.21 -18.15
C28 X77 D . 5.44 17.73 -16.47
C29 X77 D . 5.37 16.33 -16.27
C30 X77 D . 3.62 13.73 -18.42
C31 X77 D . 3.46 15.00 -18.92
C33 X77 D . 1.70 13.86 -19.36
N03 X77 D . 5.90 13.98 -17.07
N06 X77 D . 9.23 14.81 -16.58
N18 X77 D . 5.40 12.07 -13.24
N32 X77 D . 2.28 15.06 -19.50
N34 X77 D . 2.53 13.05 -18.71
O01 X77 D . 4.89 11.97 -17.55
O13 X77 D . 7.73 14.88 -14.85
H041 X77 D . 7.39 12.71 -17.10
H071 X77 D . 10.22 15.50 -14.99
H081 X77 D . 11.19 16.42 -17.49
H082 X77 D . 11.80 15.17 -16.73
H091 X77 D . 13.00 17.26 -16.39
H092 X77 D . 12.63 16.48 -15.06
H101 X77 D . 11.41 18.08 -14.35
H102 X77 D . 12.08 18.96 -15.47
H112 X77 D . 9.77 19.15 -15.58
H111 X77 D . 10.34 18.52 -16.91
H121 X77 D . 8.84 17.21 -14.92
H122 X77 D . 8.58 17.18 -16.48
H151 X77 D . 7.88 10.95 -15.71
H161 X77 D . 7.33 9.60 -13.91
H171 X77 D . 5.76 10.32 -12.36
H191 X77 D . 5.29 13.68 -14.39
H211 X77 D . 6.98 15.43 -18.95
H221 X77 D . 7.10 17.74 -19.26
H251 X77 D . 5.80 21.51 -16.74
H252 X77 D . 6.08 20.25 -15.82
H253 X77 D . 4.67 20.41 -16.55
H261 X77 D . 5.66 19.71 -19.85
H263 X77 D . 5.29 21.10 -19.19
H262 X77 D . 4.39 19.83 -18.91
H272 X77 D . 7.84 19.90 -19.04
H273 X77 D . 8.20 19.80 -17.50
H271 X77 D . 7.68 21.17 -18.11
H281 X77 D . 5.04 18.30 -15.85
H291 X77 D . 4.94 15.99 -15.52
H311 X77 D . 4.08 15.70 -18.87
H331 X77 D . 0.86 13.64 -19.68
H061 X77 D . 9.46 14.49 -17.34
C1 MLA E . 5.48 0.89 2.79
O1A MLA E . 5.75 2.09 2.47
O1B MLA E . 5.03 0.10 1.93
C2 MLA E . 5.72 0.41 4.23
C3 MLA E . 5.21 -1.02 4.37
O3A MLA E . 6.02 -1.98 4.32
O3B MLA E . 3.99 -1.22 4.55
HC21 MLA E . 6.67 0.45 4.42
HC22 MLA E . 5.25 0.99 4.84
#